data_7LVF
#
_entry.id   7LVF
#
_entity_poly.entity_id   1
_entity_poly.type   'polypeptide(L)'
_entity_poly.pdbx_seq_one_letter_code
;MRGRDDDDEENPRDPREQYRQCQEYCRRQGQGQRQQQQCQIRCEERLEEDQRSQEER
;
_entity_poly.pdbx_strand_id   A
#
# COMPACT_ATOMS: atom_id res chain seq x y z
N MET A 1 23.48 -11.84 8.12
CA MET A 1 24.36 -11.03 9.02
C MET A 1 24.55 -11.76 10.32
N ARG A 2 25.65 -11.44 10.99
CA ARG A 2 25.98 -12.08 12.25
C ARG A 2 24.88 -11.85 13.28
N GLY A 3 24.41 -10.60 13.36
CA GLY A 3 23.34 -10.23 14.28
C GLY A 3 21.99 -10.17 13.56
N ARG A 4 20.99 -9.63 14.26
CA ARG A 4 19.64 -9.47 13.69
C ARG A 4 19.38 -8.02 13.30
N ASP A 5 19.11 -7.79 12.01
CA ASP A 5 18.83 -6.45 11.50
C ASP A 5 17.34 -6.12 11.57
N ASP A 6 17.00 -4.87 11.28
CA ASP A 6 15.58 -4.42 11.29
C ASP A 6 14.97 -4.43 9.88
N ASP A 7 15.77 -4.74 8.84
CA ASP A 7 15.30 -4.79 7.47
C ASP A 7 14.37 -5.99 7.25
N ASP A 8 14.66 -7.08 7.97
CA ASP A 8 13.87 -8.31 7.85
C ASP A 8 12.68 -8.35 8.84
N GLU A 9 12.44 -7.23 9.54
CA GLU A 9 11.34 -7.15 10.50
C GLU A 9 10.15 -6.39 9.91
N GLU A 10 8.94 -6.86 10.23
CA GLU A 10 7.72 -6.21 9.74
C GLU A 10 7.47 -4.90 10.46
N ASN A 11 6.93 -3.91 9.73
CA ASN A 11 6.66 -2.59 10.30
C ASN A 11 5.47 -2.65 11.29
N PRO A 12 5.46 -1.80 12.36
CA PRO A 12 4.34 -1.80 13.36
C PRO A 12 2.97 -1.56 12.71
N ARG A 13 2.95 -0.66 11.71
CA ARG A 13 1.71 -0.33 11.01
C ARG A 13 1.26 -1.47 10.11
N ASP A 14 -0.06 -1.60 9.94
CA ASP A 14 -0.63 -2.65 9.08
C ASP A 14 -0.68 -2.16 7.61
N PRO A 15 0.10 -2.76 6.68
CA PRO A 15 0.11 -2.33 5.23
C PRO A 15 -1.18 -2.72 4.49
N ARG A 16 -1.89 -3.72 5.02
CA ARG A 16 -3.11 -4.22 4.39
C ARG A 16 -4.22 -3.16 4.34
N GLU A 17 -4.34 -2.38 5.42
CA GLU A 17 -5.41 -1.37 5.51
C GLU A 17 -5.31 -0.33 4.39
N GLN A 18 -4.09 0.18 4.14
CA GLN A 18 -3.88 1.16 3.08
C GLN A 18 -3.94 0.49 1.70
N TYR A 19 -3.51 -0.78 1.63
CA TYR A 19 -3.55 -1.55 0.40
C TYR A 19 -5.01 -1.69 -0.06
N ARG A 20 -5.87 -2.04 0.90
CA ARG A 20 -7.30 -2.18 0.65
C ARG A 20 -7.87 -0.86 0.12
N GLN A 21 -7.38 0.25 0.68
CA GLN A 21 -7.86 1.58 0.28
C GLN A 21 -7.62 1.81 -1.22
N CYS A 22 -6.45 1.38 -1.73
CA CYS A 22 -6.15 1.52 -3.15
C CYS A 22 -7.16 0.74 -3.99
N GLN A 23 -7.44 -0.48 -3.57
CA GLN A 23 -8.35 -1.36 -4.32
C GLN A 23 -9.74 -0.72 -4.45
N GLU A 24 -10.23 -0.12 -3.36
CA GLU A 24 -11.53 0.56 -3.37
C GLU A 24 -11.50 1.74 -4.35
N TYR A 25 -10.42 2.52 -4.30
CA TYR A 25 -10.26 3.68 -5.18
C TYR A 25 -10.24 3.26 -6.65
N CYS A 26 -9.43 2.23 -6.96
CA CYS A 26 -9.26 1.75 -8.33
C CYS A 26 -10.59 1.29 -8.92
N ARG A 27 -11.32 0.46 -8.17
CA ARG A 27 -12.61 -0.06 -8.66
C ARG A 27 -13.64 1.06 -8.83
N ARG A 28 -13.66 1.99 -7.87
CA ARG A 28 -14.60 3.12 -7.92
C ARG A 28 -14.33 4.02 -9.13
N GLN A 29 -13.05 4.27 -9.40
CA GLN A 29 -12.65 5.13 -10.53
C GLN A 29 -11.72 4.38 -11.49
N GLY A 30 -12.14 4.29 -12.76
CA GLY A 30 -11.34 3.61 -13.78
C GLY A 30 -12.17 2.56 -14.51
N GLN A 31 -11.67 2.13 -15.68
CA GLN A 31 -12.35 1.12 -16.49
C GLN A 31 -11.35 0.31 -17.32
N GLY A 32 -11.58 -1.01 -17.39
CA GLY A 32 -10.72 -1.90 -18.18
C GLY A 32 -9.73 -2.64 -17.29
N GLN A 33 -9.36 -3.85 -17.73
CA GLN A 33 -8.41 -4.69 -17.00
C GLN A 33 -7.02 -4.06 -16.95
N ARG A 34 -6.62 -3.41 -18.06
CA ARG A 34 -5.29 -2.82 -18.15
C ARG A 34 -5.10 -1.75 -17.09
N GLN A 35 -6.14 -0.93 -16.86
CA GLN A 35 -6.07 0.11 -15.83
C GLN A 35 -6.00 -0.50 -14.44
N GLN A 36 -6.70 -1.64 -14.25
CA GLN A 36 -6.72 -2.33 -12.96
C GLN A 36 -5.31 -2.74 -12.57
N GLN A 37 -4.53 -3.20 -13.55
CA GLN A 37 -3.14 -3.56 -13.30
C GLN A 37 -2.33 -2.31 -12.94
N GLN A 38 -2.64 -1.19 -13.63
CA GLN A 38 -1.94 0.07 -13.43
C GLN A 38 -2.12 0.62 -11.99
N CYS A 39 -3.37 0.58 -11.47
CA CYS A 39 -3.65 1.11 -10.12
C CYS A 39 -3.03 0.23 -9.03
N GLN A 40 -3.12 -1.10 -9.20
CA GLN A 40 -2.58 -2.04 -8.22
C GLN A 40 -1.04 -1.94 -8.13
N ILE A 41 -0.40 -1.85 -9.31
CA ILE A 41 1.07 -1.78 -9.39
C ILE A 41 1.61 -0.51 -8.71
N ARG A 42 0.98 0.64 -9.00
CA ARG A 42 1.43 1.92 -8.43
C ARG A 42 1.31 1.91 -6.91
N CYS A 43 0.21 1.35 -6.42
CA CYS A 43 -0.03 1.25 -4.98
C CYS A 43 0.97 0.30 -4.32
N GLU A 44 1.30 -0.79 -5.03
CA GLU A 44 2.24 -1.80 -4.51
C GLU A 44 3.62 -1.22 -4.24
N GLU A 45 4.16 -0.43 -5.19
CA GLU A 45 5.49 0.17 -5.01
C GLU A 45 5.44 1.19 -3.88
N ARG A 46 4.35 1.98 -3.87
CA ARG A 46 4.16 3.01 -2.86
C ARG A 46 4.08 2.39 -1.47
N LEU A 47 3.38 1.26 -1.38
CA LEU A 47 3.19 0.56 -0.11
C LEU A 47 4.55 0.13 0.46
N GLU A 48 5.35 -0.53 -0.39
CA GLU A 48 6.71 -0.96 0.00
C GLU A 48 7.59 0.26 0.24
N GLU A 49 7.40 1.28 -0.60
CA GLU A 49 8.15 2.51 -0.52
C GLU A 49 7.92 3.18 0.84
N ASP A 50 6.67 3.15 1.31
CA ASP A 50 6.28 3.76 2.58
C ASP A 50 7.00 3.10 3.77
N GLN A 51 7.03 1.76 3.80
CA GLN A 51 7.69 1.04 4.90
C GLN A 51 9.18 1.37 4.98
N ARG A 52 9.81 1.51 3.81
CA ARG A 52 11.24 1.82 3.77
C ARG A 52 11.52 3.17 4.44
N SER A 53 10.62 4.13 4.23
CA SER A 53 10.76 5.48 4.82
C SER A 53 10.75 5.41 6.35
N GLN A 54 9.86 4.59 6.91
CA GLN A 54 9.73 4.44 8.37
C GLN A 54 9.32 5.76 9.02
N GLU A 55 8.25 5.71 9.83
CA GLU A 55 7.76 6.89 10.53
C GLU A 55 7.34 6.53 11.97
N GLU A 56 8.35 6.27 12.80
CA GLU A 56 8.13 5.93 14.20
C GLU A 56 7.49 7.11 14.93
N ARG A 57 7.97 8.32 14.60
CA ARG A 57 7.47 9.54 15.23
C ARG A 57 5.95 9.64 15.09
N MET A 1 -15.22 25.60 6.16
CA MET A 1 -15.06 26.92 6.82
C MET A 1 -13.61 27.17 7.12
N ARG A 2 -13.25 28.45 7.07
CA ARG A 2 -11.88 28.86 7.27
C ARG A 2 -11.41 28.51 8.70
N GLY A 3 -10.11 28.24 8.84
CA GLY A 3 -9.52 27.87 10.14
C GLY A 3 -9.54 26.35 10.39
N ARG A 4 -10.23 25.59 9.52
CA ARG A 4 -10.33 24.13 9.65
C ARG A 4 -9.58 23.43 8.50
N ASP A 5 -8.60 24.13 7.91
CA ASP A 5 -7.82 23.59 6.79
C ASP A 5 -7.19 22.25 7.15
N ASP A 6 -7.19 21.34 6.18
CA ASP A 6 -6.63 19.99 6.35
C ASP A 6 -5.12 20.03 6.65
N ASP A 7 -4.46 21.12 6.23
CA ASP A 7 -3.02 21.28 6.45
C ASP A 7 -2.70 21.34 7.94
N ASP A 8 -3.63 21.88 8.73
CA ASP A 8 -3.44 22.03 10.16
C ASP A 8 -3.37 20.67 10.87
N GLU A 9 -4.20 19.73 10.42
CA GLU A 9 -4.24 18.38 11.02
C GLU A 9 -3.59 17.35 10.11
N GLU A 10 -2.87 16.40 10.72
CA GLU A 10 -2.16 15.36 9.95
C GLU A 10 -2.75 13.98 10.24
N ASN A 11 -2.87 13.17 9.18
CA ASN A 11 -3.41 11.81 9.29
C ASN A 11 -2.48 10.79 8.53
N PRO A 12 -1.30 10.45 9.08
CA PRO A 12 -0.34 9.51 8.40
C PRO A 12 -0.99 8.19 7.99
N ARG A 13 -1.88 7.68 8.85
CA ARG A 13 -2.60 6.41 8.58
C ARG A 13 -1.62 5.24 8.45
N ASP A 14 -2.01 4.08 9.00
CA ASP A 14 -1.16 2.89 8.96
C ASP A 14 -1.09 2.30 7.52
N PRO A 15 0.01 1.58 7.15
CA PRO A 15 0.15 0.98 5.78
C PRO A 15 -0.98 0.01 5.43
N ARG A 16 -1.42 -0.77 6.43
CA ARG A 16 -2.47 -1.77 6.21
C ARG A 16 -3.79 -1.13 5.76
N GLU A 17 -4.22 -0.08 6.47
CA GLU A 17 -5.49 0.59 6.17
C GLU A 17 -5.44 1.32 4.83
N GLN A 18 -4.32 2.01 4.56
CA GLN A 18 -4.17 2.77 3.31
C GLN A 18 -4.05 1.85 2.10
N TYR A 19 -3.42 0.68 2.30
CA TYR A 19 -3.29 -0.30 1.22
C TYR A 19 -4.68 -0.74 0.76
N ARG A 20 -5.53 -1.08 1.73
CA ARG A 20 -6.91 -1.50 1.44
C ARG A 20 -7.67 -0.37 0.75
N GLN A 21 -7.45 0.86 1.23
CA GLN A 21 -8.13 2.04 0.67
C GLN A 21 -7.76 2.22 -0.81
N CYS A 22 -6.48 2.00 -1.14
CA CYS A 22 -6.02 2.10 -2.51
C CYS A 22 -6.64 0.99 -3.36
N GLN A 23 -6.77 -0.20 -2.76
CA GLN A 23 -7.40 -1.34 -3.42
C GLN A 23 -8.86 -1.00 -3.77
N GLU A 24 -9.53 -0.30 -2.85
CA GLU A 24 -10.92 0.13 -3.04
C GLU A 24 -11.02 1.08 -4.24
N TYR A 25 -9.99 1.94 -4.40
CA TYR A 25 -9.96 2.90 -5.50
C TYR A 25 -10.05 2.15 -6.84
N CYS A 26 -9.25 1.08 -6.96
CA CYS A 26 -9.24 0.26 -8.19
C CYS A 26 -10.63 -0.33 -8.48
N ARG A 27 -11.29 -0.85 -7.43
CA ARG A 27 -12.63 -1.46 -7.58
C ARG A 27 -13.66 -0.41 -7.99
N ARG A 28 -13.68 0.70 -7.27
CA ARG A 28 -14.61 1.79 -7.52
C ARG A 28 -14.41 2.42 -8.90
N GLN A 29 -13.14 2.57 -9.28
CA GLN A 29 -12.80 3.18 -10.57
C GLN A 29 -12.75 2.11 -11.67
N GLY A 30 -13.52 2.33 -12.74
CA GLY A 30 -13.56 1.41 -13.88
C GLY A 30 -13.21 2.13 -15.18
N GLN A 31 -12.28 1.55 -15.94
CA GLN A 31 -11.86 2.12 -17.22
C GLN A 31 -10.94 1.14 -17.96
N GLY A 32 -11.46 -0.06 -18.22
CA GLY A 32 -10.70 -1.11 -18.91
C GLY A 32 -9.96 -1.99 -17.90
N GLN A 33 -9.79 -3.27 -18.25
CA GLN A 33 -9.11 -4.22 -17.36
C GLN A 33 -7.64 -3.83 -17.18
N ARG A 34 -7.00 -3.38 -18.28
CA ARG A 34 -5.60 -2.98 -18.24
C ARG A 34 -5.39 -1.82 -17.26
N GLN A 35 -6.31 -0.84 -17.31
CA GLN A 35 -6.24 0.33 -16.42
C GLN A 35 -6.36 -0.10 -14.96
N GLN A 36 -7.20 -1.11 -14.70
CA GLN A 36 -7.39 -1.62 -13.34
C GLN A 36 -6.05 -2.13 -12.79
N GLN A 37 -5.28 -2.77 -13.67
CA GLN A 37 -3.95 -3.26 -13.31
C GLN A 37 -3.03 -2.08 -12.97
N GLN A 38 -3.19 -0.95 -13.72
CA GLN A 38 -2.30 0.21 -13.53
C GLN A 38 -2.40 0.75 -12.10
N CYS A 39 -3.63 0.88 -11.57
CA CYS A 39 -3.82 1.38 -10.20
C CYS A 39 -3.38 0.33 -9.17
N GLN A 40 -3.51 -0.96 -9.53
CA GLN A 40 -3.08 -2.05 -8.66
C GLN A 40 -1.58 -1.97 -8.41
N ILE A 41 -0.83 -1.71 -9.48
CA ILE A 41 0.63 -1.57 -9.39
C ILE A 41 0.97 -0.35 -8.51
N ARG A 42 0.27 0.76 -8.76
CA ARG A 42 0.50 2.00 -8.02
C ARG A 42 0.25 1.79 -6.52
N CYS A 43 -0.84 1.10 -6.18
CA CYS A 43 -1.19 0.87 -4.79
C CYS A 43 -0.11 0.01 -4.11
N GLU A 44 0.33 -1.04 -4.82
CA GLU A 44 1.34 -1.97 -4.32
C GLU A 44 2.71 -1.29 -4.13
N GLU A 45 3.13 -0.49 -5.12
CA GLU A 45 4.46 0.16 -5.05
C GLU A 45 4.52 1.16 -3.90
N ARG A 46 3.38 1.80 -3.59
CA ARG A 46 3.33 2.76 -2.48
C ARG A 46 3.58 2.03 -1.16
N LEU A 47 2.95 0.86 -1.02
CA LEU A 47 3.10 0.05 0.20
C LEU A 47 4.53 -0.53 0.30
N GLU A 48 5.04 -1.06 -0.83
CA GLU A 48 6.37 -1.66 -0.86
C GLU A 48 7.45 -0.62 -0.63
N GLU A 49 7.25 0.56 -1.22
CA GLU A 49 8.23 1.64 -1.10
C GLU A 49 8.39 2.05 0.36
N ASP A 50 7.26 2.20 1.06
CA ASP A 50 7.25 2.58 2.46
C ASP A 50 7.86 1.48 3.32
N GLN A 51 7.51 0.22 3.00
CA GLN A 51 7.99 -0.93 3.76
C GLN A 51 9.52 -1.07 3.67
N ARG A 52 10.07 -0.82 2.47
CA ARG A 52 11.51 -0.90 2.26
C ARG A 52 12.25 0.11 3.14
N SER A 53 11.70 1.33 3.20
CA SER A 53 12.30 2.40 3.99
C SER A 53 12.33 2.04 5.48
N GLN A 54 11.26 1.40 5.96
CA GLN A 54 11.17 0.99 7.36
C GLN A 54 12.24 -0.02 7.70
N GLU A 55 12.50 -0.95 6.77
CA GLU A 55 13.52 -1.99 6.97
C GLU A 55 14.89 -1.36 7.14
N GLU A 56 15.20 -0.36 6.30
CA GLU A 56 16.51 0.31 6.34
C GLU A 56 17.65 -0.72 6.28
N ARG A 57 17.38 -1.87 5.67
CA ARG A 57 18.36 -2.95 5.55
C ARG A 57 18.76 -3.47 6.93
N MET A 1 22.27 10.52 1.86
CA MET A 1 21.48 9.30 2.19
C MET A 1 22.25 8.43 3.14
N ARG A 2 21.74 8.31 4.37
CA ARG A 2 22.38 7.53 5.39
C ARG A 2 22.29 6.03 5.08
N GLY A 3 23.15 5.24 5.72
CA GLY A 3 23.15 3.79 5.52
C GLY A 3 21.84 3.17 5.99
N ARG A 4 21.42 2.09 5.33
CA ARG A 4 20.16 1.42 5.66
C ARG A 4 20.40 0.10 6.38
N ASP A 5 20.13 0.10 7.69
CA ASP A 5 20.26 -1.10 8.51
C ASP A 5 18.90 -1.78 8.63
N ASP A 6 18.85 -3.06 8.30
CA ASP A 6 17.60 -3.84 8.34
C ASP A 6 17.02 -3.89 9.74
N ASP A 7 17.89 -4.10 10.74
CA ASP A 7 17.46 -4.21 12.13
C ASP A 7 16.90 -2.89 12.65
N ASP A 8 17.43 -1.77 12.15
CA ASP A 8 17.01 -0.45 12.62
C ASP A 8 15.70 0.04 11.95
N GLU A 9 15.28 -0.64 10.87
CA GLU A 9 14.05 -0.27 10.15
C GLU A 9 12.81 -0.78 10.88
N GLU A 10 11.73 0.00 10.80
CA GLU A 10 10.45 -0.35 11.43
C GLU A 10 9.32 -0.32 10.40
N ASN A 11 8.31 -1.17 10.61
CA ASN A 11 7.18 -1.26 9.68
C ASN A 11 6.34 0.05 9.68
N PRO A 12 5.84 0.49 8.50
CA PRO A 12 5.00 1.72 8.41
C PRO A 12 3.52 1.43 8.71
N ARG A 13 2.62 2.36 8.35
CA ARG A 13 1.17 2.20 8.55
C ARG A 13 0.73 0.79 8.14
N ASP A 14 -0.32 0.27 8.79
CA ASP A 14 -0.79 -1.10 8.51
C ASP A 14 -0.97 -1.31 6.98
N PRO A 15 -0.26 -2.31 6.36
CA PRO A 15 -0.35 -2.55 4.88
C PRO A 15 -1.72 -3.08 4.45
N ARG A 16 -2.41 -3.80 5.36
CA ARG A 16 -3.71 -4.38 5.04
C ARG A 16 -4.72 -3.29 4.72
N GLU A 17 -4.70 -2.21 5.50
CA GLU A 17 -5.62 -1.08 5.30
C GLU A 17 -5.35 -0.42 3.94
N GLN A 18 -4.07 -0.23 3.62
CA GLN A 18 -3.67 0.42 2.37
C GLN A 18 -4.08 -0.40 1.15
N TYR A 19 -3.95 -1.73 1.26
CA TYR A 19 -4.31 -2.64 0.14
C TYR A 19 -5.79 -2.54 -0.20
N ARG A 20 -6.65 -2.57 0.83
CA ARG A 20 -8.11 -2.52 0.62
C ARG A 20 -8.56 -1.15 0.12
N GLN A 21 -7.89 -0.08 0.58
CA GLN A 21 -8.23 1.28 0.14
C GLN A 21 -7.96 1.45 -1.35
N CYS A 22 -6.83 0.89 -1.82
CA CYS A 22 -6.47 0.98 -3.23
C CYS A 22 -7.53 0.32 -4.11
N GLN A 23 -7.97 -0.88 -3.71
CA GLN A 23 -8.94 -1.65 -4.51
C GLN A 23 -10.25 -0.87 -4.65
N GLU A 24 -10.73 -0.28 -3.54
CA GLU A 24 -11.97 0.49 -3.56
C GLU A 24 -11.85 1.71 -4.48
N TYR A 25 -10.74 2.42 -4.37
CA TYR A 25 -10.46 3.60 -5.18
C TYR A 25 -10.38 3.22 -6.67
N CYS A 26 -9.62 2.16 -6.95
CA CYS A 26 -9.39 1.71 -8.31
C CYS A 26 -10.69 1.34 -9.02
N ARG A 27 -11.55 0.57 -8.35
CA ARG A 27 -12.82 0.15 -8.93
C ARG A 27 -13.72 1.35 -9.21
N ARG A 28 -13.74 2.30 -8.26
CA ARG A 28 -14.58 3.49 -8.37
C ARG A 28 -14.16 4.38 -9.56
N GLN A 29 -12.85 4.56 -9.75
CA GLN A 29 -12.33 5.43 -10.82
C GLN A 29 -11.45 4.66 -11.81
N GLY A 30 -11.63 4.94 -13.10
CA GLY A 30 -10.86 4.28 -14.15
C GLY A 30 -11.64 3.13 -14.75
N GLN A 31 -11.35 2.81 -16.02
CA GLN A 31 -12.06 1.74 -16.73
C GLN A 31 -11.08 0.81 -17.46
N GLY A 32 -11.50 -0.45 -17.63
CA GLY A 32 -10.70 -1.44 -18.34
C GLY A 32 -9.95 -2.36 -17.36
N GLN A 33 -9.68 -3.59 -17.82
CA GLN A 33 -8.96 -4.58 -17.02
C GLN A 33 -7.52 -4.12 -16.76
N ARG A 34 -6.91 -3.50 -17.77
CA ARG A 34 -5.53 -3.03 -17.68
C ARG A 34 -5.37 -2.00 -16.56
N GLN A 35 -6.37 -1.12 -16.41
CA GLN A 35 -6.34 -0.10 -15.36
C GLN A 35 -6.31 -0.75 -13.99
N GLN A 36 -7.07 -1.86 -13.83
CA GLN A 36 -7.11 -2.59 -12.56
C GLN A 36 -5.71 -3.09 -12.21
N GLN A 37 -4.99 -3.58 -13.23
CA GLN A 37 -3.61 -4.03 -13.04
C GLN A 37 -2.71 -2.82 -12.69
N GLN A 38 -2.98 -1.68 -13.37
CA GLN A 38 -2.20 -0.45 -13.18
C GLN A 38 -2.30 0.08 -11.73
N CYS A 39 -3.53 0.14 -11.19
CA CYS A 39 -3.75 0.65 -9.82
C CYS A 39 -3.20 -0.31 -8.78
N GLN A 40 -3.33 -1.61 -9.05
CA GLN A 40 -2.86 -2.66 -8.14
C GLN A 40 -1.32 -2.59 -7.98
N ILE A 41 -0.61 -2.48 -9.10
CA ILE A 41 0.85 -2.41 -9.09
C ILE A 41 1.34 -1.11 -8.42
N ARG A 42 0.71 0.01 -8.78
CA ARG A 42 1.10 1.33 -8.27
C ARG A 42 0.98 1.40 -6.75
N CYS A 43 -0.12 0.88 -6.22
CA CYS A 43 -0.38 0.92 -4.78
C CYS A 43 0.66 0.12 -4.01
N GLU A 44 1.01 -1.08 -4.53
CA GLU A 44 1.99 -1.94 -3.87
C GLU A 44 3.42 -1.37 -3.92
N GLU A 45 3.80 -0.79 -5.07
CA GLU A 45 5.16 -0.22 -5.21
C GLU A 45 5.35 0.99 -4.32
N ARG A 46 4.30 1.81 -4.19
CA ARG A 46 4.34 2.99 -3.34
C ARG A 46 4.52 2.57 -1.87
N LEU A 47 3.80 1.52 -1.48
CA LEU A 47 3.85 1.02 -0.10
C LEU A 47 5.27 0.56 0.25
N GLU A 48 5.86 -0.25 -0.63
CA GLU A 48 7.21 -0.77 -0.43
C GLU A 48 8.24 0.35 -0.53
N GLU A 49 8.03 1.25 -1.49
CA GLU A 49 8.92 2.36 -1.72
C GLU A 49 8.96 3.27 -0.49
N ASP A 50 7.78 3.52 0.09
CA ASP A 50 7.65 4.35 1.28
C ASP A 50 8.39 3.72 2.46
N GLN A 51 8.31 2.40 2.58
CA GLN A 51 8.96 1.68 3.69
C GLN A 51 10.47 1.92 3.66
N ARG A 52 11.06 1.82 2.46
CA ARG A 52 12.49 2.08 2.30
C ARG A 52 12.80 3.55 2.59
N SER A 53 11.89 4.43 2.15
CA SER A 53 12.00 5.87 2.37
C SER A 53 11.96 6.19 3.87
N GLN A 54 11.14 5.44 4.61
CA GLN A 54 10.94 5.68 6.06
C GLN A 54 10.31 7.05 6.30
N GLU A 55 9.31 7.37 5.46
CA GLU A 55 8.57 8.62 5.57
C GLU A 55 7.06 8.31 5.52
N GLU A 56 6.56 7.77 6.63
CA GLU A 56 5.14 7.41 6.73
C GLU A 56 4.27 8.64 6.60
N ARG A 57 4.70 9.75 7.22
CA ARG A 57 3.99 11.01 7.11
C ARG A 57 4.88 12.20 7.53
N MET A 1 26.27 8.53 -0.68
CA MET A 1 25.13 7.58 -0.54
C MET A 1 25.57 6.37 0.25
N ARG A 2 25.17 6.32 1.51
CA ARG A 2 25.49 5.22 2.39
C ARG A 2 24.28 4.82 3.23
N GLY A 3 24.05 3.50 3.36
CA GLY A 3 22.92 2.98 4.12
C GLY A 3 23.14 1.54 4.53
N ARG A 4 22.08 0.91 5.04
CA ARG A 4 22.13 -0.49 5.49
C ARG A 4 21.04 -1.32 4.83
N ASP A 5 21.23 -2.64 4.83
CA ASP A 5 20.27 -3.55 4.20
C ASP A 5 19.01 -3.71 5.05
N ASP A 6 18.01 -4.38 4.49
CA ASP A 6 16.72 -4.58 5.17
C ASP A 6 16.68 -5.88 6.00
N ASP A 7 17.78 -6.66 5.96
CA ASP A 7 17.85 -7.91 6.74
C ASP A 7 17.84 -7.60 8.22
N ASP A 8 18.46 -6.47 8.60
CA ASP A 8 18.52 -6.05 9.99
C ASP A 8 17.43 -5.00 10.33
N GLU A 9 16.49 -4.78 9.40
CA GLU A 9 15.41 -3.80 9.60
C GLU A 9 14.05 -4.40 9.26
N GLU A 10 13.02 -3.97 10.00
CA GLU A 10 11.65 -4.45 9.77
C GLU A 10 10.63 -3.40 10.23
N ASN A 11 9.55 -3.25 9.44
CA ASN A 11 8.49 -2.28 9.76
C ASN A 11 7.23 -3.02 10.27
N PRO A 12 6.86 -2.91 11.58
CA PRO A 12 5.67 -3.62 12.14
C PRO A 12 4.36 -2.86 11.90
N ARG A 13 3.89 -2.88 10.65
CA ARG A 13 2.63 -2.23 10.27
C ARG A 13 1.73 -3.19 9.50
N ASP A 14 0.42 -2.99 9.62
CA ASP A 14 -0.56 -3.87 8.95
C ASP A 14 -0.77 -3.43 7.47
N PRO A 15 -0.35 -4.25 6.47
CA PRO A 15 -0.53 -3.90 5.01
C PRO A 15 -1.99 -4.00 4.54
N ARG A 16 -2.82 -4.70 5.31
CA ARG A 16 -4.22 -4.92 4.94
C ARG A 16 -4.99 -3.61 4.82
N GLU A 17 -4.72 -2.68 5.74
CA GLU A 17 -5.42 -1.39 5.75
C GLU A 17 -5.20 -0.62 4.44
N GLN A 18 -3.93 -0.55 3.99
CA GLN A 18 -3.60 0.17 2.76
C GLN A 18 -4.17 -0.55 1.52
N TYR A 19 -4.12 -1.89 1.53
CA TYR A 19 -4.64 -2.68 0.41
C TYR A 19 -6.13 -2.42 0.22
N ARG A 20 -6.86 -2.34 1.34
CA ARG A 20 -8.30 -2.05 1.29
C ARG A 20 -8.53 -0.67 0.70
N GLN A 21 -7.68 0.30 1.08
CA GLN A 21 -7.77 1.66 0.58
C GLN A 21 -7.55 1.70 -0.94
N CYS A 22 -6.58 0.91 -1.42
CA CYS A 22 -6.27 0.85 -2.84
C CYS A 22 -7.46 0.35 -3.64
N GLN A 23 -8.11 -0.71 -3.14
CA GLN A 23 -9.23 -1.33 -3.84
C GLN A 23 -10.39 -0.35 -4.02
N GLU A 24 -10.67 0.45 -2.97
CA GLU A 24 -11.77 1.42 -3.05
C GLU A 24 -11.49 2.47 -4.13
N TYR A 25 -10.27 3.01 -4.13
CA TYR A 25 -9.87 4.01 -5.13
C TYR A 25 -9.85 3.41 -6.55
N CYS A 26 -9.21 2.24 -6.68
CA CYS A 26 -9.07 1.59 -7.98
C CYS A 26 -10.43 1.28 -8.60
N ARG A 27 -11.32 0.66 -7.81
CA ARG A 27 -12.67 0.33 -8.28
C ARG A 27 -13.46 1.60 -8.59
N ARG A 28 -13.30 2.61 -7.72
CA ARG A 28 -13.99 3.89 -7.89
C ARG A 28 -13.56 4.59 -9.18
N GLN A 29 -12.25 4.53 -9.48
CA GLN A 29 -11.70 5.18 -10.67
C GLN A 29 -10.78 4.23 -11.43
N GLY A 30 -11.06 4.04 -12.73
CA GLY A 30 -10.23 3.18 -13.58
C GLY A 30 -10.95 2.89 -14.89
N GLN A 31 -10.23 2.29 -15.84
CA GLN A 31 -10.79 1.95 -17.15
C GLN A 31 -10.10 0.73 -17.75
N GLY A 32 -10.87 -0.32 -17.99
CA GLY A 32 -10.34 -1.56 -18.59
C GLY A 32 -9.65 -2.45 -17.56
N GLN A 33 -9.35 -3.68 -17.97
CA GLN A 33 -8.68 -4.66 -17.12
C GLN A 33 -7.26 -4.22 -16.77
N ARG A 34 -6.58 -3.61 -17.75
CA ARG A 34 -5.18 -3.18 -17.57
C ARG A 34 -5.07 -2.19 -16.42
N GLN A 35 -6.07 -1.31 -16.29
CA GLN A 35 -6.09 -0.33 -15.21
C GLN A 35 -6.11 -1.03 -13.85
N GLN A 36 -6.85 -2.15 -13.76
CA GLN A 36 -6.93 -2.90 -12.50
C GLN A 36 -5.55 -3.38 -12.08
N GLN A 37 -4.77 -3.88 -13.06
CA GLN A 37 -3.37 -4.26 -12.78
C GLN A 37 -2.54 -3.01 -12.46
N GLN A 38 -2.83 -1.92 -13.17
CA GLN A 38 -2.11 -0.65 -13.00
C GLN A 38 -2.23 -0.10 -11.57
N CYS A 39 -3.44 -0.11 -11.01
CA CYS A 39 -3.67 0.40 -9.65
C CYS A 39 -3.07 -0.53 -8.60
N GLN A 40 -3.06 -1.85 -8.89
CA GLN A 40 -2.51 -2.84 -7.96
C GLN A 40 -1.00 -2.66 -7.77
N ILE A 41 -0.28 -2.42 -8.88
CA ILE A 41 1.18 -2.26 -8.85
C ILE A 41 1.55 -0.95 -8.13
N ARG A 42 0.85 0.13 -8.47
CA ARG A 42 1.13 1.45 -7.92
C ARG A 42 0.96 1.44 -6.39
N CYS A 43 -0.11 0.81 -5.91
CA CYS A 43 -0.38 0.74 -4.48
C CYS A 43 0.72 -0.04 -3.76
N GLU A 44 1.15 -1.14 -4.39
CA GLU A 44 2.20 -2.01 -3.82
C GLU A 44 3.54 -1.30 -3.72
N GLU A 45 3.91 -0.55 -4.78
CA GLU A 45 5.20 0.17 -4.79
C GLU A 45 5.20 1.32 -3.80
N ARG A 46 4.05 1.97 -3.64
CA ARG A 46 3.90 3.06 -2.67
C ARG A 46 4.01 2.51 -1.25
N LEU A 47 3.41 1.34 -1.02
CA LEU A 47 3.44 0.70 0.30
C LEU A 47 4.88 0.39 0.71
N GLU A 48 5.65 -0.22 -0.21
CA GLU A 48 7.05 -0.57 0.04
C GLU A 48 7.89 0.69 0.13
N GLU A 49 7.60 1.66 -0.74
CA GLU A 49 8.34 2.92 -0.79
C GLU A 49 8.15 3.68 0.52
N ASP A 50 6.92 3.68 1.03
CA ASP A 50 6.58 4.36 2.29
C ASP A 50 7.35 3.77 3.47
N GLN A 51 7.46 2.43 3.47
CA GLN A 51 8.18 1.72 4.54
C GLN A 51 9.64 2.16 4.60
N ARG A 52 10.24 2.34 3.42
CA ARG A 52 11.64 2.74 3.33
C ARG A 52 11.85 4.10 4.02
N SER A 53 10.89 5.02 3.83
CA SER A 53 10.99 6.37 4.41
C SER A 53 11.08 6.31 5.93
N GLN A 54 10.28 5.44 6.55
CA GLN A 54 10.30 5.27 8.02
C GLN A 54 11.33 4.24 8.41
N GLU A 55 12.00 4.46 9.56
CA GLU A 55 13.02 3.55 10.05
C GLU A 55 13.19 3.71 11.56
N GLU A 56 12.32 3.04 12.32
CA GLU A 56 12.37 3.09 13.77
C GLU A 56 13.18 1.89 14.31
N ARG A 57 14.48 1.90 13.99
CA ARG A 57 15.39 0.83 14.42
C ARG A 57 15.29 0.59 15.93
N MET A 1 -28.41 8.87 14.56
CA MET A 1 -29.08 9.67 13.50
C MET A 1 -28.51 9.30 12.15
N ARG A 2 -29.20 9.73 11.10
CA ARG A 2 -28.80 9.41 9.76
C ARG A 2 -27.47 10.06 9.41
N GLY A 3 -26.62 9.32 8.67
CA GLY A 3 -25.31 9.83 8.27
C GLY A 3 -24.31 9.73 9.41
N ARG A 4 -23.12 10.32 9.19
CA ARG A 4 -22.06 10.31 10.20
C ARG A 4 -21.33 11.67 10.21
N ASP A 5 -21.06 12.16 11.42
CA ASP A 5 -20.35 13.44 11.58
C ASP A 5 -18.98 13.38 10.91
N ASP A 6 -18.67 14.40 10.12
CA ASP A 6 -17.39 14.45 9.39
C ASP A 6 -16.21 14.91 10.28
N ASP A 7 -16.51 15.22 11.56
CA ASP A 7 -15.47 15.62 12.51
C ASP A 7 -14.57 14.43 12.84
N ASP A 8 -15.18 13.24 12.87
CA ASP A 8 -14.46 12.00 13.17
C ASP A 8 -13.48 11.63 12.04
N GLU A 9 -13.75 12.13 10.82
CA GLU A 9 -12.92 11.83 9.66
C GLU A 9 -11.44 12.10 9.95
N GLU A 10 -10.59 11.16 9.52
CA GLU A 10 -9.15 11.28 9.73
C GLU A 10 -8.38 10.80 8.49
N ASN A 11 -7.20 11.40 8.27
CA ASN A 11 -6.36 11.05 7.13
C ASN A 11 -5.70 9.67 7.32
N PRO A 12 -5.45 8.89 6.23
CA PRO A 12 -4.81 7.54 6.34
C PRO A 12 -3.45 7.61 7.03
N ARG A 13 -3.19 6.64 7.91
CA ARG A 13 -1.91 6.59 8.64
C ARG A 13 -1.40 5.16 8.74
N ASP A 14 -2.31 4.22 9.06
CA ASP A 14 -1.95 2.81 9.20
C ASP A 14 -1.69 2.16 7.82
N PRO A 15 -0.77 1.16 7.72
CA PRO A 15 -0.50 0.45 6.42
C PRO A 15 -1.76 -0.18 5.84
N ARG A 16 -2.60 -0.72 6.74
CA ARG A 16 -3.84 -1.38 6.34
C ARG A 16 -4.77 -0.41 5.61
N GLU A 17 -4.90 0.81 6.14
CA GLU A 17 -5.80 1.82 5.56
C GLU A 17 -5.36 2.18 4.13
N GLN A 18 -4.06 2.41 3.95
CA GLN A 18 -3.52 2.80 2.63
C GLN A 18 -3.77 1.69 1.60
N TYR A 19 -3.46 0.45 2.00
CA TYR A 19 -3.65 -0.71 1.13
C TYR A 19 -5.13 -0.92 0.82
N ARG A 20 -5.95 -0.80 1.86
CA ARG A 20 -7.40 -1.00 1.74
C ARG A 20 -8.03 0.01 0.77
N GLN A 21 -7.62 1.28 0.88
CA GLN A 21 -8.18 2.34 0.03
C GLN A 21 -7.88 2.11 -1.44
N CYS A 22 -6.64 1.68 -1.75
CA CYS A 22 -6.26 1.43 -3.14
C CYS A 22 -7.09 0.31 -3.76
N GLN A 23 -7.32 -0.77 -2.99
CA GLN A 23 -8.12 -1.89 -3.48
C GLN A 23 -9.54 -1.44 -3.80
N GLU A 24 -10.10 -0.61 -2.92
CA GLU A 24 -11.44 -0.08 -3.10
C GLU A 24 -11.50 0.83 -4.33
N TYR A 25 -10.45 1.65 -4.49
CA TYR A 25 -10.37 2.58 -5.63
C TYR A 25 -10.37 1.82 -6.96
N CYS A 26 -9.51 0.80 -7.06
CA CYS A 26 -9.38 0.02 -8.29
C CYS A 26 -10.70 -0.65 -8.67
N ARG A 27 -11.35 -1.25 -7.67
CA ARG A 27 -12.65 -1.91 -7.88
C ARG A 27 -13.75 -0.91 -8.19
N ARG A 28 -13.71 0.24 -7.51
CA ARG A 28 -14.72 1.29 -7.68
C ARG A 28 -14.73 1.80 -9.12
N GLN A 29 -13.53 1.99 -9.70
CA GLN A 29 -13.41 2.48 -11.08
C GLN A 29 -13.40 1.32 -12.05
N GLY A 30 -14.43 1.25 -12.90
CA GLY A 30 -14.56 0.17 -13.90
C GLY A 30 -14.15 0.62 -15.31
N GLN A 31 -13.61 1.85 -15.44
CA GLN A 31 -13.19 2.39 -16.73
C GLN A 31 -11.73 2.06 -17.01
N GLY A 32 -11.49 1.31 -18.10
CA GLY A 32 -10.14 0.93 -18.51
C GLY A 32 -9.61 -0.22 -17.67
N GLN A 33 -9.51 -1.40 -18.30
CA GLN A 33 -8.98 -2.59 -17.63
C GLN A 33 -7.52 -2.38 -17.23
N ARG A 34 -6.77 -1.71 -18.12
CA ARG A 34 -5.36 -1.42 -17.88
C ARG A 34 -5.19 -0.53 -16.64
N GLN A 35 -6.11 0.42 -16.47
CA GLN A 35 -6.08 1.33 -15.33
C GLN A 35 -6.28 0.58 -14.02
N GLN A 36 -7.15 -0.43 -14.03
CA GLN A 36 -7.41 -1.24 -12.82
C GLN A 36 -6.09 -1.89 -12.38
N GLN A 37 -5.35 -2.42 -13.35
CA GLN A 37 -4.03 -2.99 -13.09
C GLN A 37 -3.06 -1.86 -12.67
N GLN A 38 -3.20 -0.70 -13.31
CA GLN A 38 -2.33 0.45 -13.08
C GLN A 38 -2.39 0.93 -11.63
N CYS A 39 -3.60 1.04 -11.07
CA CYS A 39 -3.77 1.51 -9.68
C CYS A 39 -3.29 0.46 -8.67
N GLN A 40 -3.49 -0.81 -8.99
CA GLN A 40 -3.09 -1.91 -8.10
C GLN A 40 -1.57 -1.95 -7.92
N ILE A 41 -0.83 -1.78 -9.02
CA ILE A 41 0.65 -1.82 -8.99
C ILE A 41 1.22 -0.58 -8.28
N ARG A 42 0.64 0.59 -8.55
CA ARG A 42 1.15 1.85 -7.97
C ARG A 42 1.14 1.80 -6.44
N CYS A 43 0.01 1.36 -5.87
CA CYS A 43 -0.13 1.25 -4.42
C CYS A 43 0.72 0.12 -3.85
N GLU A 44 0.78 -1.00 -4.57
CA GLU A 44 1.51 -2.18 -4.12
C GLU A 44 3.01 -1.87 -3.96
N GLU A 45 3.59 -1.18 -4.96
CA GLU A 45 5.02 -0.83 -4.91
C GLU A 45 5.29 0.24 -3.85
N ARG A 46 4.35 1.19 -3.72
CA ARG A 46 4.49 2.27 -2.76
C ARG A 46 4.52 1.73 -1.33
N LEU A 47 3.59 0.79 -1.04
CA LEU A 47 3.50 0.20 0.28
C LEU A 47 4.78 -0.57 0.65
N GLU A 48 5.23 -1.43 -0.27
CA GLU A 48 6.44 -2.21 -0.06
C GLU A 48 7.66 -1.29 0.03
N GLU A 49 7.68 -0.29 -0.85
CA GLU A 49 8.77 0.67 -0.91
C GLU A 49 8.87 1.45 0.40
N ASP A 50 7.71 1.83 0.96
CA ASP A 50 7.67 2.61 2.20
C ASP A 50 8.32 1.85 3.36
N GLN A 51 8.03 0.54 3.46
CA GLN A 51 8.62 -0.29 4.51
C GLN A 51 10.13 -0.40 4.36
N ARG A 52 10.58 -0.61 3.11
CA ARG A 52 12.01 -0.74 2.81
C ARG A 52 12.77 0.54 3.13
N SER A 53 12.13 1.69 2.83
CA SER A 53 12.75 3.00 3.07
C SER A 53 13.07 3.19 4.55
N GLN A 54 12.16 2.75 5.42
CA GLN A 54 12.35 2.86 6.87
C GLN A 54 12.64 4.31 7.26
N GLU A 55 11.60 5.01 7.73
CA GLU A 55 11.74 6.40 8.17
C GLU A 55 10.84 6.69 9.38
N GLU A 56 11.26 6.18 10.54
CA GLU A 56 10.52 6.37 11.78
C GLU A 56 11.48 6.24 12.99
N ARG A 57 12.42 7.18 13.08
CA ARG A 57 13.41 7.17 14.18
C ARG A 57 12.98 8.14 15.29
N MET A 1 20.68 2.01 8.21
CA MET A 1 19.44 1.82 9.00
C MET A 1 19.26 0.36 9.31
N ARG A 2 19.79 -0.05 10.47
CA ARG A 2 19.69 -1.42 10.90
C ARG A 2 19.81 -1.55 12.42
N GLY A 3 19.39 -2.70 12.95
CA GLY A 3 19.46 -2.97 14.39
C GLY A 3 18.32 -2.29 15.18
N ARG A 4 17.27 -1.84 14.47
CA ARG A 4 16.13 -1.17 15.11
C ARG A 4 15.36 -2.14 16.02
N ASP A 5 14.69 -1.58 17.04
CA ASP A 5 13.88 -2.37 17.96
C ASP A 5 12.51 -2.65 17.35
N ASP A 6 11.85 -3.71 17.84
CA ASP A 6 10.52 -4.09 17.34
C ASP A 6 9.52 -2.96 17.56
N ASP A 7 9.60 -2.31 18.73
CA ASP A 7 8.73 -1.19 19.06
C ASP A 7 9.09 0.07 18.25
N ASP A 8 10.36 0.13 17.78
CA ASP A 8 10.85 1.27 17.02
C ASP A 8 10.15 1.35 15.67
N GLU A 9 9.90 0.19 15.05
CA GLU A 9 9.24 0.13 13.74
C GLU A 9 7.86 0.77 13.83
N GLU A 10 7.14 0.49 14.92
CA GLU A 10 5.80 1.07 15.13
C GLU A 10 4.88 0.77 13.96
N ASN A 11 4.04 -0.26 14.12
CA ASN A 11 3.09 -0.65 13.08
C ASN A 11 1.64 -0.77 13.66
N PRO A 12 1.03 0.37 14.09
CA PRO A 12 -0.35 0.37 14.69
C PRO A 12 -1.39 -0.30 13.79
N ARG A 13 -1.27 -0.10 12.47
CA ARG A 13 -2.21 -0.68 11.51
C ARG A 13 -1.53 -1.71 10.62
N ASP A 14 -2.25 -2.81 10.36
CA ASP A 14 -1.73 -3.88 9.52
C ASP A 14 -1.70 -3.43 8.03
N PRO A 15 -0.75 -3.94 7.21
CA PRO A 15 -0.66 -3.55 5.76
C PRO A 15 -1.88 -4.01 4.95
N ARG A 16 -2.60 -5.02 5.48
CA ARG A 16 -3.78 -5.56 4.80
C ARG A 16 -4.84 -4.47 4.58
N GLU A 17 -4.91 -3.50 5.49
CA GLU A 17 -5.88 -2.40 5.38
C GLU A 17 -5.60 -1.55 4.15
N GLN A 18 -4.29 -1.31 3.89
CA GLN A 18 -3.87 -0.50 2.75
C GLN A 18 -4.24 -1.16 1.43
N TYR A 19 -4.08 -2.49 1.37
CA TYR A 19 -4.42 -3.25 0.15
C TYR A 19 -5.91 -3.10 -0.16
N ARG A 20 -6.75 -3.15 0.89
CA ARG A 20 -8.19 -2.99 0.73
C ARG A 20 -8.51 -1.60 0.18
N GLN A 21 -7.77 -0.60 0.64
CA GLN A 21 -7.93 0.78 0.18
C GLN A 21 -7.68 0.86 -1.33
N CYS A 22 -6.66 0.12 -1.80
CA CYS A 22 -6.28 0.13 -3.20
C CYS A 22 -7.46 -0.31 -4.07
N GLN A 23 -8.10 -1.42 -3.69
CA GLN A 23 -9.21 -1.96 -4.48
C GLN A 23 -10.34 -0.95 -4.59
N GLU A 24 -10.63 -0.25 -3.48
CA GLU A 24 -11.67 0.78 -3.48
C GLU A 24 -11.30 1.91 -4.44
N TYR A 25 -10.02 2.30 -4.43
CA TYR A 25 -9.50 3.34 -5.32
C TYR A 25 -9.66 2.88 -6.78
N CYS A 26 -9.27 1.62 -7.04
CA CYS A 26 -9.31 1.06 -8.38
C CYS A 26 -10.75 1.07 -8.91
N ARG A 27 -11.71 0.72 -8.05
CA ARG A 27 -13.12 0.69 -8.43
C ARG A 27 -13.62 2.11 -8.77
N ARG A 28 -13.21 3.08 -7.96
CA ARG A 28 -13.61 4.48 -8.15
C ARG A 28 -13.03 5.06 -9.45
N GLN A 29 -11.76 4.73 -9.73
CA GLN A 29 -11.09 5.23 -10.94
C GLN A 29 -10.60 4.07 -11.80
N GLY A 30 -11.04 4.05 -13.06
CA GLY A 30 -10.66 3.01 -14.02
C GLY A 30 -11.85 2.61 -14.88
N GLN A 31 -11.64 1.62 -15.76
CA GLN A 31 -12.72 1.14 -16.66
C GLN A 31 -12.25 -0.06 -17.51
N GLY A 32 -11.28 -0.83 -16.99
CA GLY A 32 -10.76 -2.00 -17.71
C GLY A 32 -9.93 -2.90 -16.80
N GLN A 33 -9.68 -4.13 -17.26
CA GLN A 33 -8.88 -5.11 -16.51
C GLN A 33 -7.43 -4.64 -16.37
N ARG A 34 -6.89 -4.05 -17.45
CA ARG A 34 -5.50 -3.57 -17.46
C ARG A 34 -5.29 -2.46 -16.43
N GLN A 35 -6.29 -1.57 -16.32
CA GLN A 35 -6.25 -0.47 -15.35
C GLN A 35 -6.30 -0.99 -13.91
N GLN A 36 -7.09 -2.05 -13.69
CA GLN A 36 -7.19 -2.64 -12.36
C GLN A 36 -5.80 -3.11 -11.90
N GLN A 37 -5.06 -3.72 -12.83
CA GLN A 37 -3.69 -4.13 -12.57
C GLN A 37 -2.79 -2.90 -12.41
N GLN A 38 -3.05 -1.88 -13.24
CA GLN A 38 -2.26 -0.64 -13.25
C GLN A 38 -2.30 0.06 -11.88
N CYS A 39 -3.50 0.22 -11.32
CA CYS A 39 -3.66 0.86 -10.00
C CYS A 39 -3.09 -0.04 -8.89
N GLN A 40 -3.15 -1.37 -9.10
CA GLN A 40 -2.63 -2.33 -8.13
C GLN A 40 -1.09 -2.19 -8.02
N ILE A 41 -0.43 -1.98 -9.17
CA ILE A 41 1.04 -1.84 -9.19
C ILE A 41 1.46 -0.60 -8.38
N ARG A 42 0.79 0.52 -8.62
CA ARG A 42 1.09 1.77 -7.90
C ARG A 42 0.87 1.61 -6.39
N CYS A 43 -0.17 0.88 -6.02
CA CYS A 43 -0.50 0.69 -4.60
C CYS A 43 0.67 -0.01 -3.89
N GLU A 44 1.23 -1.03 -4.56
CA GLU A 44 2.35 -1.78 -4.01
C GLU A 44 3.59 -0.92 -3.83
N GLU A 45 3.87 -0.04 -4.83
CA GLU A 45 5.05 0.83 -4.74
C GLU A 45 4.85 1.83 -3.64
N ARG A 46 3.63 2.37 -3.54
CA ARG A 46 3.30 3.37 -2.52
C ARG A 46 3.42 2.80 -1.12
N LEU A 47 3.00 1.54 -0.95
CA LEU A 47 3.06 0.89 0.35
C LEU A 47 4.51 0.82 0.84
N GLU A 48 5.41 0.34 -0.04
CA GLU A 48 6.83 0.25 0.28
C GLU A 48 7.48 1.65 0.31
N GLU A 49 7.06 2.49 -0.62
CA GLU A 49 7.61 3.84 -0.79
C GLU A 49 7.37 4.66 0.47
N ASP A 50 6.14 4.59 1.00
CA ASP A 50 5.77 5.31 2.21
C ASP A 50 6.47 4.70 3.43
N GLN A 51 6.51 3.37 3.49
CA GLN A 51 7.12 2.66 4.62
C GLN A 51 8.63 2.93 4.70
N ARG A 52 9.29 2.97 3.54
CA ARG A 52 10.73 3.21 3.48
C ARG A 52 11.07 4.57 4.09
N SER A 53 10.28 5.58 3.73
CA SER A 53 10.48 6.95 4.25
C SER A 53 10.26 7.00 5.77
N GLN A 54 9.48 6.05 6.31
CA GLN A 54 9.20 6.00 7.75
C GLN A 54 8.51 7.29 8.23
N GLU A 55 7.73 7.92 7.33
CA GLU A 55 7.00 9.14 7.67
C GLU A 55 5.87 8.85 8.68
N GLU A 56 5.26 7.68 8.55
CA GLU A 56 4.18 7.25 9.46
C GLU A 56 3.00 8.22 9.46
N ARG A 57 2.96 9.13 8.47
CA ARG A 57 1.85 10.07 8.31
C ARG A 57 2.05 10.94 7.08
N MET A 1 25.59 -8.37 10.84
CA MET A 1 24.57 -7.64 10.04
C MET A 1 23.20 -8.16 10.38
N ARG A 2 22.19 -7.32 10.13
CA ARG A 2 20.83 -7.66 10.44
C ARG A 2 20.37 -8.90 9.66
N GLY A 3 20.76 -8.95 8.38
CA GLY A 3 20.39 -10.07 7.50
C GLY A 3 18.95 -9.91 6.94
N ARG A 4 18.25 -8.83 7.34
CA ARG A 4 16.89 -8.58 6.89
C ARG A 4 16.70 -7.10 6.56
N ASP A 5 15.85 -6.82 5.56
CA ASP A 5 15.58 -5.44 5.15
C ASP A 5 14.46 -4.82 5.98
N ASP A 6 14.25 -3.51 5.78
CA ASP A 6 13.21 -2.77 6.50
C ASP A 6 11.82 -3.30 6.14
N ASP A 7 11.63 -3.67 4.87
CA ASP A 7 10.35 -4.19 4.38
C ASP A 7 9.98 -5.49 5.08
N ASP A 8 10.98 -6.19 5.63
CA ASP A 8 10.73 -7.45 6.30
C ASP A 8 9.90 -7.24 7.57
N GLU A 9 10.23 -6.19 8.32
CA GLU A 9 9.50 -5.86 9.54
C GLU A 9 8.11 -5.33 9.19
N GLU A 10 7.11 -5.72 9.99
CA GLU A 10 5.73 -5.31 9.73
C GLU A 10 5.07 -4.74 10.98
N ASN A 11 4.16 -3.78 10.77
CA ASN A 11 3.42 -3.16 11.87
C ASN A 11 2.38 -4.16 12.43
N PRO A 12 1.90 -4.00 13.68
CA PRO A 12 0.89 -4.94 14.29
C PRO A 12 -0.39 -5.02 13.46
N ARG A 13 -0.70 -3.94 12.74
CA ARG A 13 -1.89 -3.91 11.86
C ARG A 13 -1.68 -4.83 10.65
N ASP A 14 -2.80 -5.34 10.11
CA ASP A 14 -2.74 -6.23 8.94
C ASP A 14 -2.35 -5.44 7.67
N PRO A 15 -1.23 -5.79 6.97
CA PRO A 15 -0.80 -5.06 5.72
C PRO A 15 -1.87 -5.12 4.61
N ARG A 16 -2.71 -6.16 4.68
CA ARG A 16 -3.74 -6.39 3.66
C ARG A 16 -4.74 -5.24 3.60
N GLU A 17 -5.10 -4.67 4.77
CA GLU A 17 -6.07 -3.58 4.80
C GLU A 17 -5.55 -2.35 4.05
N GLN A 18 -4.23 -2.12 4.10
CA GLN A 18 -3.62 -1.00 3.38
C GLN A 18 -3.76 -1.21 1.89
N TYR A 19 -3.52 -2.44 1.44
CA TYR A 19 -3.68 -2.80 0.03
C TYR A 19 -5.15 -2.69 -0.39
N ARG A 20 -6.04 -3.12 0.50
CA ARG A 20 -7.48 -3.08 0.24
C ARG A 20 -7.94 -1.65 0.02
N GLN A 21 -7.44 -0.73 0.85
CA GLN A 21 -7.82 0.68 0.75
C GLN A 21 -7.43 1.25 -0.62
N CYS A 22 -6.22 0.91 -1.07
CA CYS A 22 -5.74 1.35 -2.39
C CYS A 22 -6.59 0.72 -3.49
N GLN A 23 -6.94 -0.56 -3.30
CA GLN A 23 -7.74 -1.29 -4.27
C GLN A 23 -9.09 -0.58 -4.48
N GLU A 24 -9.67 -0.10 -3.38
CA GLU A 24 -10.94 0.63 -3.44
C GLU A 24 -10.79 1.90 -4.28
N TYR A 25 -9.64 2.58 -4.14
CA TYR A 25 -9.35 3.79 -4.90
C TYR A 25 -9.39 3.49 -6.41
N CYS A 26 -8.75 2.38 -6.81
CA CYS A 26 -8.66 1.99 -8.21
C CYS A 26 -10.06 1.87 -8.82
N ARG A 27 -10.96 1.14 -8.14
CA ARG A 27 -12.33 0.98 -8.63
C ARG A 27 -13.06 2.33 -8.67
N ARG A 28 -12.83 3.15 -7.64
CA ARG A 28 -13.48 4.47 -7.54
C ARG A 28 -13.06 5.38 -8.72
N GLN A 29 -11.77 5.37 -9.05
CA GLN A 29 -11.24 6.22 -10.13
C GLN A 29 -10.69 5.39 -11.29
N GLY A 30 -11.21 5.62 -12.49
CA GLY A 30 -10.77 4.89 -13.69
C GLY A 30 -11.67 3.70 -13.97
N GLN A 31 -11.59 3.17 -15.20
CA GLN A 31 -12.41 2.03 -15.61
C GLN A 31 -11.68 1.14 -16.61
N GLY A 32 -11.80 -0.18 -16.43
CA GLY A 32 -11.19 -1.15 -17.33
C GLY A 32 -10.34 -2.18 -16.57
N GLN A 33 -10.37 -3.43 -17.07
CA GLN A 33 -9.60 -4.53 -16.47
C GLN A 33 -8.10 -4.28 -16.57
N ARG A 34 -7.67 -3.73 -17.72
CA ARG A 34 -6.26 -3.47 -17.96
C ARG A 34 -5.72 -2.52 -16.90
N GLN A 35 -6.51 -1.49 -16.58
CA GLN A 35 -6.16 -0.53 -15.53
C GLN A 35 -6.23 -1.18 -14.14
N GLN A 36 -7.11 -2.19 -13.98
CA GLN A 36 -7.27 -2.87 -12.68
C GLN A 36 -5.95 -3.50 -12.23
N GLN A 37 -5.25 -4.15 -13.16
CA GLN A 37 -3.93 -4.72 -12.85
C GLN A 37 -2.87 -3.62 -12.76
N GLN A 38 -3.06 -2.53 -13.54
CA GLN A 38 -2.14 -1.39 -13.52
C GLN A 38 -2.10 -0.71 -12.14
N CYS A 39 -3.30 -0.48 -11.57
CA CYS A 39 -3.41 0.16 -10.25
C CYS A 39 -2.98 -0.79 -9.13
N GLN A 40 -3.14 -2.10 -9.36
CA GLN A 40 -2.73 -3.10 -8.37
C GLN A 40 -1.22 -3.01 -8.14
N ILE A 41 -0.47 -2.84 -9.23
CA ILE A 41 0.98 -2.70 -9.16
C ILE A 41 1.34 -1.40 -8.41
N ARG A 42 0.62 -0.33 -8.75
CA ARG A 42 0.85 0.98 -8.14
C ARG A 42 0.60 0.92 -6.61
N CYS A 43 -0.46 0.21 -6.23
CA CYS A 43 -0.85 0.10 -4.81
C CYS A 43 0.26 -0.57 -4.00
N GLU A 44 0.85 -1.61 -4.59
CA GLU A 44 1.94 -2.34 -3.93
C GLU A 44 3.13 -1.44 -3.72
N GLU A 45 3.45 -0.63 -4.75
CA GLU A 45 4.56 0.31 -4.65
C GLU A 45 4.25 1.40 -3.65
N ARG A 46 2.98 1.84 -3.59
CA ARG A 46 2.61 2.93 -2.71
C ARG A 46 2.94 2.60 -1.24
N LEU A 47 2.59 1.40 -0.79
CA LEU A 47 2.87 0.99 0.59
C LEU A 47 4.38 0.83 0.84
N GLU A 48 5.07 0.14 -0.08
CA GLU A 48 6.51 -0.12 0.07
C GLU A 48 7.34 1.16 -0.09
N GLU A 49 6.95 1.97 -1.08
CA GLU A 49 7.67 3.19 -1.43
C GLU A 49 7.68 4.18 -0.26
N ASP A 50 6.50 4.39 0.37
CA ASP A 50 6.39 5.33 1.50
C ASP A 50 6.92 4.74 2.80
N GLN A 51 6.94 3.40 2.89
CA GLN A 51 7.44 2.71 4.08
C GLN A 51 8.96 2.96 4.23
N ARG A 52 9.66 2.91 3.10
CA ARG A 52 11.11 3.10 3.07
C ARG A 52 11.49 4.51 3.53
N SER A 53 10.69 5.50 3.11
CA SER A 53 10.96 6.90 3.45
C SER A 53 10.93 7.11 4.97
N GLN A 54 10.10 6.34 5.67
CA GLN A 54 9.99 6.44 7.12
C GLN A 54 9.72 7.89 7.56
N GLU A 55 8.76 8.53 6.87
CA GLU A 55 8.40 9.93 7.17
C GLU A 55 8.00 10.09 8.64
N GLU A 56 7.24 9.11 9.15
CA GLU A 56 6.78 9.09 10.56
C GLU A 56 5.62 10.05 10.81
N ARG A 57 5.42 11.02 9.90
CA ARG A 57 4.35 12.01 10.03
C ARG A 57 4.41 12.72 11.39
N MET A 1 25.78 0.37 0.89
CA MET A 1 24.43 0.73 1.40
C MET A 1 24.58 1.60 2.63
N ARG A 2 23.62 2.51 2.80
CA ARG A 2 23.66 3.45 3.90
C ARG A 2 23.59 2.72 5.25
N GLY A 3 22.76 1.67 5.31
CA GLY A 3 22.60 0.89 6.54
C GLY A 3 21.26 0.16 6.56
N ARG A 4 20.94 -0.45 7.70
CA ARG A 4 19.68 -1.19 7.86
C ARG A 4 18.89 -0.63 9.05
N ASP A 5 17.61 -0.30 8.80
CA ASP A 5 16.75 0.25 9.84
C ASP A 5 16.08 -0.87 10.64
N ASP A 6 15.98 -0.67 11.96
CA ASP A 6 15.36 -1.66 12.85
C ASP A 6 13.83 -1.47 12.97
N ASP A 7 13.33 -0.32 12.47
CA ASP A 7 11.90 -0.03 12.50
C ASP A 7 11.12 -0.92 11.52
N ASP A 8 11.81 -1.41 10.48
CA ASP A 8 11.19 -2.24 9.46
C ASP A 8 10.72 -3.58 10.03
N GLU A 9 11.53 -4.16 10.93
CA GLU A 9 11.19 -5.44 11.54
C GLU A 9 9.88 -5.33 12.34
N GLU A 10 9.76 -4.24 13.11
CA GLU A 10 8.58 -4.01 13.96
C GLU A 10 7.31 -3.79 13.12
N ASN A 11 7.42 -3.01 12.02
CA ASN A 11 6.27 -2.70 11.17
C ASN A 11 5.01 -2.29 12.02
N PRO A 12 5.04 -1.13 12.72
CA PRO A 12 3.88 -0.68 13.55
C PRO A 12 2.67 -0.37 12.68
N ARG A 13 1.47 -0.63 13.22
CA ARG A 13 0.22 -0.43 12.47
C ARG A 13 0.17 -1.37 11.27
N ASP A 14 -0.87 -2.20 11.20
CA ASP A 14 -1.00 -3.19 10.14
C ASP A 14 -1.07 -2.52 8.73
N PRO A 15 -0.24 -2.96 7.75
CA PRO A 15 -0.26 -2.38 6.35
C PRO A 15 -1.53 -2.78 5.58
N ARG A 16 -2.25 -3.78 6.09
CA ARG A 16 -3.46 -4.28 5.42
C ARG A 16 -4.52 -3.17 5.30
N GLU A 17 -4.70 -2.38 6.36
CA GLU A 17 -5.71 -1.32 6.37
C GLU A 17 -5.44 -0.28 5.28
N GLN A 18 -4.17 0.11 5.12
CA GLN A 18 -3.79 1.08 4.10
C GLN A 18 -3.77 0.44 2.71
N TYR A 19 -3.36 -0.83 2.65
CA TYR A 19 -3.31 -1.57 1.39
C TYR A 19 -4.70 -1.69 0.79
N ARG A 20 -5.66 -2.06 1.65
CA ARG A 20 -7.06 -2.20 1.25
C ARG A 20 -7.63 -0.86 0.79
N GLN A 21 -7.24 0.23 1.49
CA GLN A 21 -7.77 1.56 1.19
C GLN A 21 -7.44 1.95 -0.25
N CYS A 22 -6.20 1.66 -0.69
CA CYS A 22 -5.80 1.96 -2.06
C CYS A 22 -6.60 1.12 -3.05
N GLN A 23 -6.82 -0.14 -2.69
CA GLN A 23 -7.61 -1.06 -3.52
C GLN A 23 -9.04 -0.53 -3.69
N GLU A 24 -9.58 0.04 -2.60
CA GLU A 24 -10.94 0.62 -2.62
C GLU A 24 -11.01 1.73 -3.66
N TYR A 25 -9.95 2.54 -3.73
CA TYR A 25 -9.87 3.64 -4.70
C TYR A 25 -9.97 3.08 -6.12
N CYS A 26 -9.23 2.01 -6.38
CA CYS A 26 -9.22 1.36 -7.70
C CYS A 26 -10.64 0.92 -8.10
N ARG A 27 -11.34 0.28 -7.16
CA ARG A 27 -12.69 -0.20 -7.42
C ARG A 27 -13.63 0.95 -7.77
N ARG A 28 -13.49 2.07 -7.05
CA ARG A 28 -14.30 3.26 -7.29
C ARG A 28 -13.94 3.91 -8.63
N GLN A 29 -12.63 3.96 -8.93
CA GLN A 29 -12.15 4.60 -10.16
C GLN A 29 -11.24 3.65 -10.96
N GLY A 30 -11.62 3.41 -12.22
CA GLY A 30 -10.84 2.56 -13.11
C GLY A 30 -11.62 2.23 -14.39
N GLN A 31 -10.97 1.58 -15.35
CA GLN A 31 -11.62 1.21 -16.61
C GLN A 31 -10.99 -0.05 -17.22
N GLY A 32 -11.75 -1.14 -17.26
CA GLY A 32 -11.30 -2.38 -17.87
C GLY A 32 -10.31 -3.14 -16.98
N GLN A 33 -9.88 -4.30 -17.45
CA GLN A 33 -8.90 -5.13 -16.72
C GLN A 33 -7.51 -4.48 -16.73
N ARG A 34 -7.20 -3.71 -17.80
CA ARG A 34 -5.90 -3.08 -17.95
C ARG A 34 -5.63 -2.11 -16.80
N GLN A 35 -6.65 -1.36 -16.39
CA GLN A 35 -6.52 -0.42 -15.27
C GLN A 35 -6.50 -1.16 -13.93
N GLN A 36 -7.12 -2.34 -13.87
CA GLN A 36 -7.13 -3.13 -12.63
C GLN A 36 -5.69 -3.48 -12.24
N GLN A 37 -4.91 -3.89 -13.23
CA GLN A 37 -3.49 -4.17 -13.03
C GLN A 37 -2.72 -2.87 -12.73
N GLN A 38 -3.12 -1.80 -13.42
CA GLN A 38 -2.46 -0.49 -13.29
C GLN A 38 -2.57 0.04 -11.86
N CYS A 39 -3.77 -0.06 -11.27
CA CYS A 39 -3.99 0.41 -9.90
C CYS A 39 -3.37 -0.53 -8.87
N GLN A 40 -3.34 -1.83 -9.19
CA GLN A 40 -2.76 -2.83 -8.28
C GLN A 40 -1.27 -2.56 -8.09
N ILE A 41 -0.58 -2.25 -9.19
CA ILE A 41 0.85 -1.94 -9.16
C ILE A 41 1.07 -0.67 -8.35
N ARG A 42 0.24 0.35 -8.61
CA ARG A 42 0.33 1.64 -7.93
C ARG A 42 0.12 1.49 -6.42
N CYS A 43 -0.89 0.69 -6.04
CA CYS A 43 -1.20 0.48 -4.63
C CYS A 43 -0.07 -0.27 -3.92
N GLU A 44 0.48 -1.28 -4.61
CA GLU A 44 1.55 -2.11 -4.07
C GLU A 44 2.86 -1.35 -3.92
N GLU A 45 3.20 -0.53 -4.93
CA GLU A 45 4.46 0.24 -4.89
C GLU A 45 4.39 1.39 -3.89
N ARG A 46 3.20 1.97 -3.73
CA ARG A 46 3.02 3.05 -2.74
C ARG A 46 3.23 2.51 -1.33
N LEU A 47 2.69 1.31 -1.07
CA LEU A 47 2.80 0.69 0.24
C LEU A 47 4.26 0.34 0.57
N GLU A 48 4.96 -0.28 -0.39
CA GLU A 48 6.36 -0.66 -0.20
C GLU A 48 7.23 0.60 -0.08
N GLU A 49 6.93 1.59 -0.93
CA GLU A 49 7.65 2.84 -0.94
C GLU A 49 7.50 3.56 0.40
N ASP A 50 6.28 3.50 0.94
CA ASP A 50 5.97 4.13 2.24
C ASP A 50 6.83 3.50 3.35
N GLN A 51 7.00 2.18 3.28
CA GLN A 51 7.78 1.47 4.30
C GLN A 51 9.22 1.97 4.31
N ARG A 52 9.81 2.17 3.12
CA ARG A 52 11.16 2.72 3.02
C ARG A 52 11.20 4.15 3.57
N SER A 53 10.14 4.92 3.26
CA SER A 53 10.02 6.30 3.72
C SER A 53 9.96 6.39 5.23
N GLN A 54 9.25 5.43 5.86
CA GLN A 54 9.07 5.41 7.31
C GLN A 54 8.36 6.69 7.80
N GLU A 55 7.41 7.17 6.98
CA GLU A 55 6.63 8.38 7.32
C GLU A 55 5.35 8.04 8.11
N GLU A 56 5.03 6.73 8.22
CA GLU A 56 3.85 6.28 8.97
C GLU A 56 4.03 6.50 10.48
N ARG A 57 5.29 6.59 10.92
CA ARG A 57 5.60 6.81 12.32
C ARG A 57 7.00 7.39 12.49
N MET A 1 11.80 -21.27 22.00
CA MET A 1 11.11 -21.53 20.71
C MET A 1 12.14 -21.80 19.63
N ARG A 2 11.64 -22.17 18.45
CA ARG A 2 12.51 -22.51 17.34
C ARG A 2 13.38 -21.33 16.94
N GLY A 3 12.76 -20.13 16.88
CA GLY A 3 13.49 -18.92 16.53
C GLY A 3 12.57 -17.93 15.81
N ARG A 4 13.10 -16.72 15.55
CA ARG A 4 12.35 -15.67 14.86
C ARG A 4 13.30 -14.79 14.05
N ASP A 5 12.94 -14.56 12.77
CA ASP A 5 13.76 -13.74 11.87
C ASP A 5 13.40 -12.26 12.01
N ASP A 6 14.20 -11.40 11.36
CA ASP A 6 13.96 -9.95 11.38
C ASP A 6 13.21 -9.46 10.11
N ASP A 7 12.93 -10.38 9.18
CA ASP A 7 12.23 -10.05 7.94
C ASP A 7 10.75 -9.75 8.20
N ASP A 8 10.17 -10.39 9.22
CA ASP A 8 8.74 -10.28 9.51
C ASP A 8 8.33 -8.87 9.94
N GLU A 9 9.17 -8.21 10.74
CA GLU A 9 8.86 -6.85 11.23
C GLU A 9 8.92 -5.83 10.10
N GLU A 10 7.91 -4.94 10.05
CA GLU A 10 7.84 -3.90 9.02
C GLU A 10 7.48 -2.54 9.65
N ASN A 11 6.23 -2.41 10.12
CA ASN A 11 5.76 -1.16 10.73
C ASN A 11 4.52 -1.42 11.63
N PRO A 12 4.22 -0.51 12.60
CA PRO A 12 3.02 -0.68 13.50
C PRO A 12 1.71 -0.80 12.71
N ARG A 13 1.60 -0.02 11.62
CA ARG A 13 0.39 -0.02 10.78
C ARG A 13 0.30 -1.34 10.00
N ASP A 14 -0.91 -1.90 9.95
CA ASP A 14 -1.15 -3.14 9.23
C ASP A 14 -1.16 -2.91 7.69
N PRO A 15 -0.30 -3.59 6.89
CA PRO A 15 -0.25 -3.41 5.40
C PRO A 15 -1.60 -3.68 4.74
N ARG A 16 -2.32 -4.67 5.26
CA ARG A 16 -3.61 -5.07 4.71
C ARG A 16 -4.61 -3.91 4.64
N GLU A 17 -4.47 -2.94 5.54
CA GLU A 17 -5.35 -1.77 5.56
C GLU A 17 -5.20 -0.97 4.27
N GLN A 18 -3.95 -0.80 3.82
CA GLN A 18 -3.67 -0.07 2.58
C GLN A 18 -4.23 -0.79 1.37
N TYR A 19 -4.09 -2.12 1.37
CA TYR A 19 -4.57 -2.95 0.25
C TYR A 19 -6.07 -2.81 0.07
N ARG A 20 -6.80 -2.74 1.20
CA ARG A 20 -8.25 -2.56 1.16
C ARG A 20 -8.57 -1.23 0.48
N GLN A 21 -7.83 -0.19 0.84
CA GLN A 21 -8.01 1.14 0.26
C GLN A 21 -7.77 1.09 -1.26
N CYS A 22 -6.73 0.34 -1.67
CA CYS A 22 -6.39 0.22 -3.07
C CYS A 22 -7.54 -0.37 -3.87
N GLN A 23 -8.19 -1.40 -3.32
CA GLN A 23 -9.29 -2.08 -4.02
C GLN A 23 -10.42 -1.09 -4.31
N GLU A 24 -10.72 -0.24 -3.33
CA GLU A 24 -11.74 0.79 -3.49
C GLU A 24 -11.30 1.78 -4.60
N TYR A 25 -10.02 2.15 -4.56
CA TYR A 25 -9.44 3.09 -5.53
C TYR A 25 -9.54 2.56 -6.97
N CYS A 26 -9.14 1.30 -7.16
CA CYS A 26 -9.11 0.69 -8.49
C CYS A 26 -10.50 0.64 -9.14
N ARG A 27 -11.51 0.21 -8.37
CA ARG A 27 -12.87 0.07 -8.89
C ARG A 27 -13.51 1.43 -9.21
N ARG A 28 -13.31 2.40 -8.31
CA ARG A 28 -13.90 3.73 -8.46
C ARG A 28 -13.37 4.46 -9.69
N GLN A 29 -12.07 4.33 -9.95
CA GLN A 29 -11.45 4.99 -11.10
C GLN A 29 -10.94 3.98 -12.12
N GLY A 30 -11.23 4.26 -13.41
CA GLY A 30 -10.83 3.37 -14.50
C GLY A 30 -11.95 2.37 -14.81
N GLN A 31 -11.85 1.73 -15.98
CA GLN A 31 -12.86 0.75 -16.41
C GLN A 31 -12.26 -0.31 -17.36
N GLY A 32 -10.95 -0.59 -17.19
CA GLY A 32 -10.27 -1.57 -18.01
C GLY A 32 -9.48 -2.55 -17.16
N GLN A 33 -9.29 -3.78 -17.68
CA GLN A 33 -8.55 -4.81 -16.96
C GLN A 33 -7.08 -4.40 -16.77
N ARG A 34 -6.52 -3.76 -17.80
CA ARG A 34 -5.12 -3.32 -17.76
C ARG A 34 -4.91 -2.28 -16.66
N GLN A 35 -5.91 -1.40 -16.48
CA GLN A 35 -5.86 -0.38 -15.44
C GLN A 35 -5.88 -1.00 -14.04
N GLN A 36 -6.67 -2.08 -13.89
CA GLN A 36 -6.79 -2.75 -12.61
C GLN A 36 -5.42 -3.26 -12.16
N GLN A 37 -4.67 -3.82 -13.11
CA GLN A 37 -3.30 -4.26 -12.84
C GLN A 37 -2.40 -3.05 -12.55
N GLN A 38 -2.63 -1.97 -13.30
CA GLN A 38 -1.86 -0.73 -13.17
C GLN A 38 -1.97 -0.12 -11.76
N CYS A 39 -3.20 -0.03 -11.23
CA CYS A 39 -3.41 0.55 -9.90
C CYS A 39 -2.89 -0.37 -8.78
N GLN A 40 -2.94 -1.70 -9.04
CA GLN A 40 -2.46 -2.68 -8.06
C GLN A 40 -0.95 -2.51 -7.82
N ILE A 41 -0.20 -2.33 -8.91
CA ILE A 41 1.26 -2.14 -8.83
C ILE A 41 1.60 -0.84 -8.08
N ARG A 42 0.89 0.24 -8.43
CA ARG A 42 1.12 1.54 -7.82
C ARG A 42 0.89 1.48 -6.32
N CYS A 43 -0.17 0.78 -5.90
CA CYS A 43 -0.52 0.66 -4.49
C CYS A 43 0.61 0.00 -3.72
N GLU A 44 1.17 -1.08 -4.30
CA GLU A 44 2.26 -1.83 -3.67
C GLU A 44 3.52 -0.98 -3.56
N GLU A 45 3.83 -0.23 -4.63
CA GLU A 45 5.03 0.61 -4.62
C GLU A 45 4.91 1.71 -3.57
N ARG A 46 3.70 2.29 -3.46
CA ARG A 46 3.46 3.37 -2.50
C ARG A 46 3.70 2.89 -1.07
N LEU A 47 3.26 1.65 -0.79
CA LEU A 47 3.41 1.07 0.54
C LEU A 47 4.88 0.89 0.89
N GLU A 48 5.63 0.29 -0.03
CA GLU A 48 7.07 0.05 0.15
C GLU A 48 7.86 1.35 0.08
N GLU A 49 7.44 2.24 -0.80
CA GLU A 49 8.11 3.51 -1.04
C GLU A 49 8.16 4.32 0.26
N ASP A 50 7.03 4.39 0.95
CA ASP A 50 6.92 5.07 2.25
C ASP A 50 7.70 4.31 3.32
N GLN A 51 7.63 2.97 3.26
CA GLN A 51 8.27 2.11 4.26
C GLN A 51 9.79 2.31 4.29
N ARG A 52 10.41 2.50 3.12
CA ARG A 52 11.87 2.69 3.04
C ARG A 52 12.30 3.94 3.82
N SER A 53 11.48 4.99 3.73
CA SER A 53 11.77 6.24 4.43
C SER A 53 11.84 6.01 5.94
N GLN A 54 10.91 5.20 6.45
CA GLN A 54 10.85 4.87 7.87
C GLN A 54 10.62 6.13 8.74
N GLU A 55 11.70 6.87 9.05
CA GLU A 55 11.59 8.08 9.88
C GLU A 55 12.61 9.15 9.44
N GLU A 56 12.50 9.58 8.18
CA GLU A 56 13.37 10.61 7.63
C GLU A 56 13.12 11.93 8.34
N ARG A 57 11.83 12.21 8.61
CA ARG A 57 11.43 13.43 9.29
C ARG A 57 11.20 13.18 10.78
N MET A 1 0.16 -22.27 23.17
CA MET A 1 0.01 -20.84 22.79
C MET A 1 1.33 -20.28 22.35
N ARG A 2 1.26 -19.36 21.40
CA ARG A 2 2.44 -18.75 20.84
C ARG A 2 3.16 -17.88 21.86
N GLY A 3 4.49 -17.71 21.67
CA GLY A 3 5.30 -16.89 22.56
C GLY A 3 5.22 -15.42 22.16
N ARG A 4 6.03 -14.58 22.82
CA ARG A 4 6.06 -13.14 22.52
C ARG A 4 7.40 -12.72 21.92
N ASP A 5 7.32 -12.05 20.76
CA ASP A 5 8.52 -11.60 20.05
C ASP A 5 8.84 -10.15 20.39
N ASP A 6 10.14 -9.83 20.42
CA ASP A 6 10.60 -8.46 20.69
C ASP A 6 10.14 -7.49 19.60
N ASP A 7 9.94 -8.00 18.38
CA ASP A 7 9.50 -7.20 17.24
C ASP A 7 8.03 -6.75 17.39
N ASP A 8 7.31 -7.34 18.37
CA ASP A 8 5.90 -7.01 18.60
C ASP A 8 5.74 -5.57 19.12
N GLU A 9 6.81 -5.04 19.73
CA GLU A 9 6.80 -3.67 20.26
C GLU A 9 6.61 -2.64 19.14
N GLU A 10 7.07 -2.99 17.92
CA GLU A 10 6.96 -2.09 16.77
C GLU A 10 5.50 -1.74 16.49
N ASN A 11 4.62 -2.74 16.63
CA ASN A 11 3.18 -2.54 16.40
C ASN A 11 2.92 -1.94 14.99
N PRO A 12 3.39 -2.60 13.90
CA PRO A 12 3.16 -2.11 12.51
C PRO A 12 1.71 -2.28 12.07
N ARG A 13 1.24 -1.38 11.21
CA ARG A 13 -0.14 -1.42 10.70
C ARG A 13 -0.36 -2.61 9.77
N ASP A 14 -1.61 -3.07 9.66
CA ASP A 14 -1.95 -4.20 8.81
C ASP A 14 -1.83 -3.82 7.31
N PRO A 15 -0.98 -4.50 6.50
CA PRO A 15 -0.82 -4.16 5.04
C PRO A 15 -2.07 -4.47 4.22
N ARG A 16 -2.87 -5.45 4.70
CA ARG A 16 -4.09 -5.85 4.01
C ARG A 16 -5.07 -4.67 3.93
N GLU A 17 -5.16 -3.89 5.00
CA GLU A 17 -6.06 -2.75 5.07
C GLU A 17 -5.71 -1.74 3.97
N GLN A 18 -4.40 -1.52 3.77
CA GLN A 18 -3.92 -0.60 2.73
C GLN A 18 -4.36 -1.07 1.35
N TYR A 19 -4.31 -2.39 1.14
CA TYR A 19 -4.72 -3.00 -0.13
C TYR A 19 -6.20 -2.71 -0.40
N ARG A 20 -7.02 -2.76 0.66
CA ARG A 20 -8.45 -2.44 0.55
C ARG A 20 -8.64 -1.01 0.08
N GLN A 21 -7.77 -0.11 0.56
CA GLN A 21 -7.81 1.29 0.14
C GLN A 21 -7.53 1.38 -1.37
N CYS A 22 -6.56 0.56 -1.84
CA CYS A 22 -6.18 0.55 -3.25
C CYS A 22 -7.36 0.18 -4.15
N GLN A 23 -8.05 -0.94 -3.82
CA GLN A 23 -9.16 -1.40 -4.67
C GLN A 23 -10.27 -0.36 -4.75
N GLU A 24 -10.44 0.43 -3.68
CA GLU A 24 -11.42 1.53 -3.69
C GLU A 24 -11.01 2.54 -4.77
N TYR A 25 -9.70 2.85 -4.81
CA TYR A 25 -9.14 3.76 -5.81
C TYR A 25 -9.32 3.17 -7.21
N CYS A 26 -9.02 1.88 -7.36
CA CYS A 26 -9.10 1.22 -8.66
C CYS A 26 -10.53 1.31 -9.20
N ARG A 27 -11.50 1.07 -8.31
CA ARG A 27 -12.91 1.20 -8.67
C ARG A 27 -13.28 2.66 -8.96
N ARG A 28 -12.71 3.57 -8.16
CA ARG A 28 -12.96 5.01 -8.31
C ARG A 28 -12.51 5.48 -9.70
N GLN A 29 -11.35 4.99 -10.12
CA GLN A 29 -10.79 5.32 -11.42
C GLN A 29 -11.45 4.44 -12.50
N GLY A 30 -10.99 4.58 -13.74
CA GLY A 30 -11.56 3.82 -14.87
C GLY A 30 -11.50 2.31 -14.60
N GLN A 31 -12.50 1.59 -15.11
CA GLN A 31 -12.59 0.14 -14.89
C GLN A 31 -12.03 -0.62 -16.09
N GLY A 32 -11.21 -1.64 -15.79
CA GLY A 32 -10.60 -2.49 -16.82
C GLY A 32 -9.61 -3.46 -16.20
N GLN A 33 -9.43 -4.62 -16.85
CA GLN A 33 -8.50 -5.64 -16.35
C GLN A 33 -7.07 -5.14 -16.39
N ARG A 34 -6.70 -4.44 -17.49
CA ARG A 34 -5.36 -3.91 -17.65
C ARG A 34 -5.07 -2.79 -16.64
N GLN A 35 -6.06 -1.92 -16.43
CA GLN A 35 -5.93 -0.83 -15.47
C GLN A 35 -6.00 -1.35 -14.04
N GLN A 36 -6.77 -2.43 -13.83
CA GLN A 36 -6.94 -3.01 -12.49
C GLN A 36 -5.59 -3.44 -11.94
N GLN A 37 -4.79 -4.10 -12.79
CA GLN A 37 -3.44 -4.50 -12.41
C GLN A 37 -2.50 -3.28 -12.38
N GLN A 38 -2.80 -2.27 -13.23
CA GLN A 38 -2.01 -1.04 -13.29
C GLN A 38 -2.05 -0.32 -11.94
N CYS A 39 -3.25 -0.16 -11.38
CA CYS A 39 -3.43 0.50 -10.08
C CYS A 39 -2.93 -0.38 -8.94
N GLN A 40 -2.98 -1.72 -9.14
CA GLN A 40 -2.51 -2.66 -8.13
C GLN A 40 -0.99 -2.52 -7.93
N ILE A 41 -0.25 -2.37 -9.05
CA ILE A 41 1.21 -2.22 -9.00
C ILE A 41 1.57 -0.90 -8.32
N ARG A 42 0.84 0.15 -8.69
CA ARG A 42 1.08 1.49 -8.16
C ARG A 42 0.95 1.48 -6.64
N CYS A 43 -0.09 0.81 -6.15
CA CYS A 43 -0.37 0.74 -4.72
C CYS A 43 0.77 0.00 -3.99
N GLU A 44 1.25 -1.09 -4.61
CA GLU A 44 2.32 -1.90 -4.03
C GLU A 44 3.64 -1.14 -3.95
N GLU A 45 3.97 -0.37 -5.00
CA GLU A 45 5.23 0.39 -5.03
C GLU A 45 5.20 1.54 -4.04
N ARG A 46 4.05 2.22 -3.93
CA ARG A 46 3.91 3.34 -2.99
C ARG A 46 3.89 2.83 -1.55
N LEU A 47 3.38 1.60 -1.35
CA LEU A 47 3.33 0.99 -0.01
C LEU A 47 4.77 0.81 0.51
N GLU A 48 5.62 0.21 -0.34
CA GLU A 48 7.03 0.01 -0.01
C GLU A 48 7.77 1.33 0.03
N GLU A 49 7.43 2.21 -0.93
CA GLU A 49 8.07 3.52 -1.03
C GLU A 49 7.82 4.33 0.24
N ASP A 50 6.59 4.25 0.78
CA ASP A 50 6.22 4.96 2.00
C ASP A 50 7.08 4.47 3.17
N GLN A 51 7.30 3.15 3.23
CA GLN A 51 8.10 2.56 4.30
C GLN A 51 9.53 3.10 4.26
N ARG A 52 10.08 3.27 3.05
CA ARG A 52 11.43 3.79 2.88
C ARG A 52 11.55 5.21 3.42
N SER A 53 10.51 6.01 3.20
CA SER A 53 10.49 7.41 3.64
C SER A 53 10.62 7.52 5.17
N GLN A 54 9.92 6.64 5.89
CA GLN A 54 9.92 6.66 7.36
C GLN A 54 9.38 8.00 7.90
N GLU A 55 8.39 8.55 7.19
CA GLU A 55 7.74 9.82 7.59
C GLU A 55 6.22 9.63 7.76
N GLU A 56 5.83 8.45 8.27
CA GLU A 56 4.42 8.12 8.48
C GLU A 56 3.77 9.08 9.46
N ARG A 57 4.52 9.44 10.51
CA ARG A 57 4.02 10.36 11.56
C ARG A 57 2.83 9.74 12.27
N MET A 1 14.32 -21.34 11.66
CA MET A 1 14.61 -20.16 12.52
C MET A 1 13.32 -19.56 13.01
N ARG A 2 13.35 -19.07 14.24
CA ARG A 2 12.16 -18.51 14.87
C ARG A 2 11.91 -17.04 14.45
N GLY A 3 12.85 -16.44 13.72
CA GLY A 3 12.74 -15.04 13.30
C GLY A 3 11.90 -14.83 12.03
N ARG A 4 11.40 -15.94 11.43
CA ARG A 4 10.61 -15.84 10.19
C ARG A 4 9.31 -15.05 10.41
N ASP A 5 8.66 -15.24 11.57
CA ASP A 5 7.39 -14.56 11.86
C ASP A 5 7.61 -13.06 12.10
N ASP A 6 6.62 -12.25 11.71
CA ASP A 6 6.70 -10.78 11.88
C ASP A 6 5.92 -10.30 13.12
N ASP A 7 5.26 -11.22 13.84
CA ASP A 7 4.49 -10.86 15.03
C ASP A 7 5.41 -10.35 16.13
N ASP A 8 6.62 -10.92 16.21
CA ASP A 8 7.59 -10.52 17.20
C ASP A 8 8.14 -9.11 16.91
N GLU A 9 8.34 -8.81 15.62
CA GLU A 9 8.85 -7.51 15.20
C GLU A 9 7.89 -6.39 15.61
N GLU A 10 6.59 -6.62 15.41
CA GLU A 10 5.55 -5.64 15.77
C GLU A 10 5.87 -4.26 15.19
N ASN A 11 5.21 -3.92 14.06
CA ASN A 11 5.42 -2.61 13.42
C ASN A 11 4.10 -1.80 13.38
N PRO A 12 4.16 -0.46 13.49
CA PRO A 12 2.93 0.41 13.48
C PRO A 12 2.13 0.32 12.17
N ARG A 13 0.80 0.46 12.29
CA ARG A 13 -0.09 0.48 11.12
C ARG A 13 0.03 -0.80 10.28
N ASP A 14 -0.96 -1.69 10.43
CA ASP A 14 -0.99 -2.94 9.65
C ASP A 14 -1.17 -2.61 8.13
N PRO A 15 -0.40 -3.25 7.22
CA PRO A 15 -0.48 -2.95 5.75
C PRO A 15 -1.80 -3.38 5.09
N ARG A 16 -2.55 -4.27 5.76
CA ARG A 16 -3.80 -4.80 5.19
C ARG A 16 -4.81 -3.68 4.89
N GLU A 17 -5.02 -2.77 5.85
CA GLU A 17 -5.98 -1.67 5.68
C GLU A 17 -5.51 -0.73 4.57
N GLN A 18 -4.20 -0.44 4.56
CA GLN A 18 -3.62 0.45 3.54
C GLN A 18 -3.79 -0.16 2.15
N TYR A 19 -3.56 -1.47 2.06
CA TYR A 19 -3.69 -2.20 0.81
C TYR A 19 -5.14 -2.13 0.31
N ARG A 20 -6.07 -2.29 1.25
CA ARG A 20 -7.51 -2.25 0.95
C ARG A 20 -7.91 -0.87 0.41
N GLN A 21 -7.37 0.19 1.01
CA GLN A 21 -7.72 1.56 0.60
C GLN A 21 -7.32 1.86 -0.84
N CYS A 22 -6.12 1.42 -1.25
CA CYS A 22 -5.64 1.68 -2.60
C CYS A 22 -6.52 0.98 -3.64
N GLN A 23 -6.82 -0.31 -3.41
CA GLN A 23 -7.66 -1.06 -4.35
C GLN A 23 -9.07 -0.43 -4.47
N GLU A 24 -9.51 0.21 -3.38
CA GLU A 24 -10.80 0.92 -3.39
C GLU A 24 -10.74 2.08 -4.41
N TYR A 25 -9.61 2.79 -4.41
CA TYR A 25 -9.38 3.88 -5.36
C TYR A 25 -9.44 3.34 -6.80
N CYS A 26 -8.79 2.19 -7.01
CA CYS A 26 -8.74 1.57 -8.33
C CYS A 26 -10.14 1.29 -8.87
N ARG A 27 -11.01 0.70 -8.03
CA ARG A 27 -12.39 0.41 -8.45
C ARG A 27 -13.14 1.70 -8.78
N ARG A 28 -12.92 2.74 -7.96
CA ARG A 28 -13.58 4.03 -8.17
C ARG A 28 -13.12 4.68 -9.49
N GLN A 29 -11.80 4.59 -9.77
CA GLN A 29 -11.22 5.18 -10.98
C GLN A 29 -10.69 4.06 -11.90
N GLY A 30 -11.34 3.87 -13.05
CA GLY A 30 -10.94 2.85 -14.01
C GLY A 30 -12.12 1.95 -14.37
N GLN A 31 -11.85 0.91 -15.17
CA GLN A 31 -12.91 -0.03 -15.58
C GLN A 31 -12.34 -1.29 -16.23
N GLY A 32 -11.41 -1.11 -17.18
CA GLY A 32 -10.82 -2.23 -17.92
C GLY A 32 -9.91 -3.09 -17.04
N GLN A 33 -9.79 -4.37 -17.41
CA GLN A 33 -8.94 -5.31 -16.66
C GLN A 33 -7.47 -4.90 -16.73
N ARG A 34 -7.05 -4.42 -17.92
CA ARG A 34 -5.67 -4.01 -18.12
C ARG A 34 -5.30 -2.87 -17.15
N GLN A 35 -6.25 -1.96 -16.91
CA GLN A 35 -6.03 -0.86 -15.97
C GLN A 35 -5.95 -1.38 -14.52
N GLN A 36 -6.70 -2.47 -14.23
CA GLN A 36 -6.69 -3.05 -12.89
C GLN A 36 -5.27 -3.49 -12.55
N GLN A 37 -4.58 -4.05 -13.54
CA GLN A 37 -3.16 -4.42 -13.38
C GLN A 37 -2.33 -3.15 -13.12
N GLN A 38 -2.68 -2.07 -13.85
CA GLN A 38 -1.96 -0.78 -13.73
C GLN A 38 -2.08 -0.23 -12.29
N CYS A 39 -3.30 -0.23 -11.73
CA CYS A 39 -3.51 0.26 -10.36
C CYS A 39 -2.94 -0.70 -9.32
N GLN A 40 -2.85 -2.00 -9.69
CA GLN A 40 -2.29 -3.01 -8.79
C GLN A 40 -0.82 -2.69 -8.49
N ILE A 41 -0.09 -2.29 -9.54
CA ILE A 41 1.31 -1.90 -9.39
C ILE A 41 1.41 -0.64 -8.52
N ARG A 42 0.50 0.31 -8.78
CA ARG A 42 0.47 1.58 -8.05
C ARG A 42 0.29 1.34 -6.55
N CYS A 43 -0.61 0.41 -6.20
CA CYS A 43 -0.89 0.10 -4.80
C CYS A 43 0.32 -0.56 -4.15
N GLU A 44 0.97 -1.47 -4.90
CA GLU A 44 2.14 -2.19 -4.41
C GLU A 44 3.32 -1.24 -4.17
N GLU A 45 3.55 -0.30 -5.12
CA GLU A 45 4.67 0.64 -4.99
C GLU A 45 4.44 1.62 -3.83
N ARG A 46 3.17 1.96 -3.58
CA ARG A 46 2.82 2.85 -2.47
C ARG A 46 3.19 2.18 -1.14
N LEU A 47 2.84 0.89 -1.03
CA LEU A 47 3.11 0.10 0.16
C LEU A 47 4.62 -0.01 0.42
N GLU A 48 5.37 -0.35 -0.64
CA GLU A 48 6.83 -0.48 -0.55
C GLU A 48 7.47 0.88 -0.25
N GLU A 49 6.94 1.91 -0.92
CA GLU A 49 7.44 3.27 -0.77
C GLU A 49 7.27 3.74 0.68
N ASP A 50 6.12 3.43 1.27
CA ASP A 50 5.83 3.80 2.65
C ASP A 50 6.84 3.19 3.61
N GLN A 51 7.18 1.91 3.37
CA GLN A 51 8.14 1.19 4.20
C GLN A 51 9.53 1.84 4.10
N ARG A 52 9.89 2.27 2.88
CA ARG A 52 11.19 2.90 2.64
C ARG A 52 11.32 4.19 3.47
N SER A 53 10.25 4.99 3.49
CA SER A 53 10.23 6.25 4.22
C SER A 53 10.42 6.03 5.72
N GLN A 54 9.79 4.97 6.25
CA GLN A 54 9.87 4.66 7.68
C GLN A 54 9.37 5.85 8.52
N GLU A 55 8.32 6.52 8.01
CA GLU A 55 7.72 7.69 8.68
C GLU A 55 8.78 8.64 9.28
N GLU A 56 9.99 8.63 8.69
CA GLU A 56 11.07 9.51 9.13
C GLU A 56 10.74 10.96 8.82
N ARG A 57 10.15 11.18 7.64
CA ARG A 57 9.76 12.51 7.20
C ARG A 57 8.50 12.46 6.35
N MET A 1 27.90 -13.87 5.50
CA MET A 1 26.96 -12.73 5.67
C MET A 1 26.10 -12.59 4.43
N ARG A 2 24.93 -13.21 4.48
CA ARG A 2 23.99 -13.13 3.39
C ARG A 2 22.55 -13.34 3.88
N GLY A 3 21.59 -12.88 3.08
CA GLY A 3 20.17 -13.00 3.42
C GLY A 3 19.74 -11.92 4.41
N ARG A 4 18.47 -11.97 4.82
CA ARG A 4 17.92 -11.00 5.76
C ARG A 4 17.13 -11.71 6.87
N ASP A 5 17.32 -11.26 8.11
CA ASP A 5 16.64 -11.85 9.26
C ASP A 5 15.21 -11.33 9.38
N ASP A 6 14.32 -12.19 9.89
CA ASP A 6 12.90 -11.83 10.07
C ASP A 6 12.62 -11.25 11.48
N ASP A 7 13.66 -11.20 12.34
CA ASP A 7 13.52 -10.67 13.70
C ASP A 7 13.60 -9.14 13.74
N ASP A 8 14.28 -8.57 12.73
CA ASP A 8 14.46 -7.12 12.64
C ASP A 8 13.12 -6.42 12.36
N GLU A 9 12.29 -7.03 11.51
CA GLU A 9 11.00 -6.45 11.14
C GLU A 9 10.14 -6.21 12.39
N GLU A 10 9.58 -5.00 12.50
CA GLU A 10 8.74 -4.63 13.65
C GLU A 10 7.25 -4.85 13.35
N ASN A 11 6.87 -4.67 12.07
CA ASN A 11 5.46 -4.85 11.65
C ASN A 11 4.49 -4.10 12.62
N PRO A 12 4.70 -2.78 12.89
CA PRO A 12 3.82 -2.00 13.82
C PRO A 12 2.42 -1.78 13.25
N ARG A 13 2.31 -1.81 11.91
CA ARG A 13 1.03 -1.61 11.23
C ARG A 13 0.80 -2.70 10.19
N ASP A 14 -0.44 -3.23 10.16
CA ASP A 14 -0.79 -4.30 9.23
C ASP A 14 -0.93 -3.74 7.77
N PRO A 15 -0.21 -4.31 6.77
CA PRO A 15 -0.30 -3.84 5.34
C PRO A 15 -1.64 -4.21 4.68
N ARG A 16 -2.40 -5.12 5.30
CA ARG A 16 -3.67 -5.60 4.74
C ARG A 16 -4.67 -4.46 4.55
N GLU A 17 -4.69 -3.52 5.51
CA GLU A 17 -5.62 -2.38 5.43
C GLU A 17 -5.35 -1.58 4.15
N GLN A 18 -4.07 -1.35 3.87
CA GLN A 18 -3.66 -0.61 2.66
C GLN A 18 -4.08 -1.36 1.39
N TYR A 19 -3.93 -2.69 1.43
CA TYR A 19 -4.27 -3.54 0.29
C TYR A 19 -5.74 -3.38 -0.07
N ARG A 20 -6.60 -3.32 0.96
CA ARG A 20 -8.03 -3.14 0.76
C ARG A 20 -8.30 -1.80 0.07
N GLN A 21 -7.60 -0.75 0.54
CA GLN A 21 -7.75 0.59 -0.01
C GLN A 21 -7.34 0.64 -1.48
N CYS A 22 -6.25 -0.08 -1.82
CA CYS A 22 -5.73 -0.09 -3.17
C CYS A 22 -6.81 -0.62 -4.13
N GLN A 23 -7.48 -1.71 -3.72
CA GLN A 23 -8.53 -2.32 -4.52
C GLN A 23 -9.75 -1.41 -4.65
N GLU A 24 -10.12 -0.74 -3.55
CA GLU A 24 -11.29 0.15 -3.54
C GLU A 24 -11.10 1.31 -4.52
N TYR A 25 -9.89 1.87 -4.56
CA TYR A 25 -9.58 2.98 -5.45
C TYR A 25 -9.73 2.56 -6.91
N CYS A 26 -9.21 1.36 -7.22
CA CYS A 26 -9.22 0.86 -8.59
C CYS A 26 -10.63 0.74 -9.16
N ARG A 27 -11.56 0.15 -8.39
CA ARG A 27 -12.93 -0.04 -8.85
C ARG A 27 -13.67 1.29 -8.99
N ARG A 28 -13.46 2.19 -8.03
CA ARG A 28 -14.12 3.50 -8.03
C ARG A 28 -13.66 4.33 -9.23
N GLN A 29 -12.36 4.30 -9.53
CA GLN A 29 -11.79 5.07 -10.63
C GLN A 29 -11.47 4.17 -11.83
N GLY A 30 -12.10 4.48 -12.97
CA GLY A 30 -11.88 3.71 -14.21
C GLY A 30 -12.76 2.45 -14.24
N GLN A 31 -12.70 1.73 -15.37
CA GLN A 31 -13.48 0.51 -15.54
C GLN A 31 -12.69 -0.58 -16.30
N GLY A 32 -11.73 -0.15 -17.14
CA GLY A 32 -10.91 -1.08 -17.92
C GLY A 32 -10.01 -1.92 -17.02
N GLN A 33 -9.77 -3.17 -17.45
CA GLN A 33 -8.93 -4.09 -16.68
C GLN A 33 -7.45 -3.65 -16.67
N ARG A 34 -7.03 -2.91 -17.71
CA ARG A 34 -5.66 -2.43 -17.81
C ARG A 34 -5.34 -1.49 -16.66
N GLN A 35 -6.32 -0.62 -16.35
CA GLN A 35 -6.18 0.32 -15.25
C GLN A 35 -6.18 -0.39 -13.89
N GLN A 36 -6.93 -1.50 -13.80
CA GLN A 36 -7.01 -2.27 -12.55
C GLN A 36 -5.60 -2.74 -12.16
N GLN A 37 -4.86 -3.27 -13.14
CA GLN A 37 -3.48 -3.70 -12.91
C GLN A 37 -2.57 -2.49 -12.67
N GLN A 38 -2.83 -1.41 -13.41
CA GLN A 38 -2.03 -0.19 -13.33
C GLN A 38 -2.10 0.43 -11.92
N CYS A 39 -3.31 0.50 -11.37
CA CYS A 39 -3.52 1.08 -10.03
C CYS A 39 -3.11 0.12 -8.92
N GLN A 40 -3.33 -1.19 -9.15
CA GLN A 40 -2.99 -2.20 -8.15
C GLN A 40 -1.49 -2.18 -7.87
N ILE A 41 -0.70 -2.14 -8.94
CA ILE A 41 0.76 -2.10 -8.82
C ILE A 41 1.21 -0.76 -8.20
N ARG A 42 0.61 0.34 -8.69
CA ARG A 42 0.96 1.68 -8.23
C ARG A 42 0.70 1.85 -6.73
N CYS A 43 -0.48 1.37 -6.27
CA CYS A 43 -0.85 1.49 -4.86
C CYS A 43 0.10 0.69 -3.97
N GLU A 44 0.42 -0.54 -4.40
CA GLU A 44 1.31 -1.43 -3.65
C GLU A 44 2.71 -0.82 -3.51
N GLU A 45 3.23 -0.22 -4.60
CA GLU A 45 4.55 0.41 -4.54
C GLU A 45 4.51 1.54 -3.54
N ARG A 46 3.40 2.28 -3.49
CA ARG A 46 3.26 3.39 -2.55
C ARG A 46 3.43 2.90 -1.11
N LEU A 47 2.85 1.72 -0.82
CA LEU A 47 2.92 1.13 0.53
C LEU A 47 4.37 0.85 0.94
N GLU A 48 5.11 0.17 0.05
CA GLU A 48 6.51 -0.22 0.35
C GLU A 48 7.49 0.94 0.16
N GLU A 49 7.22 1.76 -0.85
CA GLU A 49 8.07 2.89 -1.18
C GLU A 49 8.11 3.89 -0.02
N ASP A 50 6.92 4.21 0.52
CA ASP A 50 6.81 5.14 1.64
C ASP A 50 7.39 4.54 2.92
N GLN A 51 7.06 3.27 3.19
CA GLN A 51 7.52 2.59 4.40
C GLN A 51 9.05 2.45 4.40
N ARG A 52 9.62 2.13 3.23
CA ARG A 52 11.06 1.95 3.09
C ARG A 52 11.82 3.24 3.43
N SER A 53 11.27 4.38 2.99
CA SER A 53 11.91 5.68 3.22
C SER A 53 12.02 5.99 4.71
N GLN A 54 10.98 5.66 5.46
CA GLN A 54 10.96 5.91 6.91
C GLN A 54 11.86 4.91 7.65
N GLU A 55 12.80 5.44 8.45
CA GLU A 55 13.71 4.61 9.23
C GLU A 55 14.59 5.48 10.12
N GLU A 56 14.17 5.64 11.37
CA GLU A 56 14.90 6.47 12.35
C GLU A 56 14.97 7.92 11.85
N ARG A 57 13.82 8.43 11.39
CA ARG A 57 13.72 9.79 10.87
C ARG A 57 14.53 9.96 9.59
N MET A 1 -2.95 -14.60 30.73
CA MET A 1 -3.84 -13.87 31.71
C MET A 1 -3.09 -12.69 32.32
N ARG A 2 -2.19 -12.10 31.53
CA ARG A 2 -1.46 -10.92 31.96
C ARG A 2 -0.94 -10.12 30.77
N GLY A 3 -0.51 -8.88 31.03
CA GLY A 3 -0.01 -8.01 29.96
C GLY A 3 0.94 -6.95 30.52
N ARG A 4 1.47 -6.12 29.60
CA ARG A 4 2.41 -5.05 29.97
C ARG A 4 2.28 -3.88 29.01
N ASP A 5 2.92 -2.75 29.35
CA ASP A 5 2.83 -1.54 28.52
C ASP A 5 3.30 -1.83 27.10
N ASP A 6 2.71 -1.09 26.15
CA ASP A 6 3.03 -1.27 24.72
C ASP A 6 4.02 -0.20 24.21
N ASP A 7 4.68 0.52 25.14
CA ASP A 7 5.65 1.55 24.78
C ASP A 7 6.86 0.92 24.09
N ASP A 8 7.23 -0.29 24.53
CA ASP A 8 8.35 -1.00 23.94
C ASP A 8 7.87 -1.99 22.87
N GLU A 9 7.00 -1.50 21.98
CA GLU A 9 6.45 -2.32 20.91
C GLU A 9 5.99 -1.43 19.74
N GLU A 10 6.40 -1.81 18.52
CA GLU A 10 6.03 -1.05 17.33
C GLU A 10 4.96 -1.82 16.54
N ASN A 11 3.86 -1.12 16.20
CA ASN A 11 2.74 -1.75 15.48
C ASN A 11 2.42 -0.99 14.16
N PRO A 12 3.28 -1.12 13.12
CA PRO A 12 3.05 -0.44 11.80
C PRO A 12 1.75 -0.89 11.16
N ARG A 13 1.12 0.00 10.37
CA ARG A 13 -0.14 -0.33 9.69
C ARG A 13 0.03 -1.61 8.87
N ASP A 14 -0.95 -2.52 8.99
CA ASP A 14 -0.91 -3.79 8.27
C ASP A 14 -1.13 -3.59 6.76
N PRO A 15 -0.64 -4.51 5.89
CA PRO A 15 -0.81 -4.38 4.41
C PRO A 15 -2.26 -4.50 3.95
N ARG A 16 -3.09 -5.16 4.78
CA ARG A 16 -4.50 -5.36 4.46
C ARG A 16 -5.21 -4.02 4.30
N GLU A 17 -4.88 -3.06 5.18
CA GLU A 17 -5.48 -1.73 5.12
C GLU A 17 -5.15 -1.06 3.79
N GLN A 18 -3.90 -1.20 3.35
CA GLN A 18 -3.44 -0.62 2.08
C GLN A 18 -4.23 -1.25 0.92
N TYR A 19 -4.40 -2.57 0.99
CA TYR A 19 -5.11 -3.31 -0.04
C TYR A 19 -6.60 -2.91 -0.08
N ARG A 20 -7.19 -2.72 1.11
CA ARG A 20 -8.61 -2.36 1.22
C ARG A 20 -8.88 -1.02 0.51
N GLN A 21 -8.05 -0.02 0.82
CA GLN A 21 -8.21 1.31 0.22
C GLN A 21 -7.91 1.27 -1.28
N CYS A 22 -6.97 0.41 -1.69
CA CYS A 22 -6.61 0.27 -3.08
C CYS A 22 -7.79 -0.21 -3.90
N GLN A 23 -8.49 -1.24 -3.38
CA GLN A 23 -9.62 -1.83 -4.09
C GLN A 23 -10.72 -0.81 -4.31
N GLU A 24 -11.02 0.00 -3.28
CA GLU A 24 -12.04 1.04 -3.41
C GLU A 24 -11.64 2.05 -4.49
N TYR A 25 -10.36 2.44 -4.48
CA TYR A 25 -9.81 3.39 -5.44
C TYR A 25 -9.88 2.84 -6.87
N CYS A 26 -9.49 1.56 -7.04
CA CYS A 26 -9.40 0.93 -8.35
C CYS A 26 -10.76 0.93 -9.06
N ARG A 27 -11.83 0.59 -8.32
CA ARG A 27 -13.18 0.57 -8.89
C ARG A 27 -13.69 1.99 -9.17
N ARG A 28 -13.37 2.91 -8.24
CA ARG A 28 -13.84 4.29 -8.34
C ARG A 28 -13.29 5.00 -9.59
N GLN A 29 -12.00 4.80 -9.90
CA GLN A 29 -11.36 5.50 -11.03
C GLN A 29 -10.68 4.55 -12.02
N GLY A 30 -10.13 3.45 -11.50
CA GLY A 30 -9.39 2.50 -12.33
C GLY A 30 -10.26 1.92 -13.45
N GLN A 31 -11.48 1.49 -13.09
CA GLN A 31 -12.47 0.92 -14.05
C GLN A 31 -11.82 0.26 -15.28
N GLY A 32 -11.66 -1.08 -15.22
CA GLY A 32 -11.07 -1.83 -16.33
C GLY A 32 -9.98 -2.79 -15.84
N GLN A 33 -9.87 -3.94 -16.51
CA GLN A 33 -8.89 -4.97 -16.14
C GLN A 33 -7.45 -4.45 -16.27
N ARG A 34 -7.16 -3.77 -17.40
CA ARG A 34 -5.82 -3.24 -17.62
C ARG A 34 -5.48 -2.17 -16.59
N GLN A 35 -6.45 -1.31 -16.30
CA GLN A 35 -6.29 -0.26 -15.30
C GLN A 35 -6.26 -0.85 -13.88
N GLN A 36 -6.93 -2.00 -13.69
CA GLN A 36 -6.91 -2.68 -12.40
C GLN A 36 -5.47 -3.02 -12.04
N GLN A 37 -4.71 -3.50 -13.03
CA GLN A 37 -3.30 -3.78 -12.85
C GLN A 37 -2.54 -2.47 -12.56
N GLN A 38 -2.93 -1.39 -13.26
CA GLN A 38 -2.25 -0.09 -13.12
C GLN A 38 -2.38 0.45 -11.69
N CYS A 39 -3.60 0.35 -11.11
CA CYS A 39 -3.84 0.87 -9.76
C CYS A 39 -3.17 0.01 -8.69
N GLN A 40 -3.06 -1.31 -8.97
CA GLN A 40 -2.40 -2.23 -8.03
C GLN A 40 -0.91 -1.88 -7.90
N ILE A 41 -0.28 -1.54 -9.04
CA ILE A 41 1.12 -1.16 -9.04
C ILE A 41 1.32 0.09 -8.18
N ARG A 42 0.43 1.07 -8.36
CA ARG A 42 0.49 2.33 -7.62
C ARG A 42 0.33 2.07 -6.13
N CYS A 43 -0.58 1.15 -5.78
CA CYS A 43 -0.85 0.82 -4.38
C CYS A 43 0.36 0.12 -3.77
N GLU A 44 0.94 -0.82 -4.53
CA GLU A 44 2.08 -1.61 -4.09
C GLU A 44 3.34 -0.77 -3.92
N GLU A 45 3.58 0.16 -4.88
CA GLU A 45 4.79 0.99 -4.82
C GLU A 45 4.77 1.90 -3.60
N ARG A 46 3.60 2.44 -3.26
CA ARG A 46 3.46 3.29 -2.07
C ARG A 46 3.69 2.47 -0.80
N LEU A 47 3.17 1.24 -0.79
CA LEU A 47 3.28 0.35 0.36
C LEU A 47 4.76 0.03 0.67
N GLU A 48 5.49 -0.38 -0.37
CA GLU A 48 6.90 -0.72 -0.24
C GLU A 48 7.76 0.53 -0.01
N GLU A 49 7.42 1.60 -0.74
CA GLU A 49 8.18 2.84 -0.69
C GLU A 49 8.16 3.47 0.72
N ASP A 50 6.96 3.56 1.31
CA ASP A 50 6.83 4.17 2.64
C ASP A 50 7.33 3.24 3.75
N GLN A 51 7.28 1.92 3.51
CA GLN A 51 7.76 0.94 4.48
C GLN A 51 9.26 1.11 4.74
N ARG A 52 10.01 1.31 3.65
CA ARG A 52 11.47 1.49 3.74
C ARG A 52 11.89 2.95 3.97
N SER A 53 10.92 3.89 3.85
CA SER A 53 11.21 5.32 4.01
C SER A 53 11.75 5.64 5.41
N GLN A 54 11.17 4.99 6.43
CA GLN A 54 11.58 5.24 7.83
C GLN A 54 12.76 4.36 8.20
N GLU A 55 13.71 4.94 8.95
CA GLU A 55 14.90 4.21 9.40
C GLU A 55 14.55 3.07 10.33
N GLU A 56 13.57 3.30 11.19
CA GLU A 56 13.11 2.27 12.13
C GLU A 56 12.51 1.11 11.37
N ARG A 57 11.80 1.43 10.27
CA ARG A 57 11.17 0.42 9.45
C ARG A 57 11.97 0.17 8.17
N MET A 1 12.06 -7.87 1.86
CA MET A 1 13.00 -8.04 0.72
C MET A 1 14.42 -8.07 1.24
N ARG A 2 15.13 -9.14 0.87
CA ARG A 2 16.49 -9.35 1.27
C ARG A 2 16.62 -9.37 2.81
N GLY A 3 15.62 -9.97 3.47
CA GLY A 3 15.62 -10.06 4.94
C GLY A 3 14.27 -9.64 5.50
N ARG A 4 14.31 -8.98 6.66
CA ARG A 4 13.10 -8.50 7.31
C ARG A 4 13.34 -7.14 7.96
N ASP A 5 12.26 -6.37 8.15
CA ASP A 5 12.37 -5.04 8.75
C ASP A 5 12.37 -5.13 10.27
N ASP A 6 13.52 -4.83 10.86
CA ASP A 6 13.72 -4.89 12.30
C ASP A 6 12.82 -3.90 13.05
N ASP A 7 12.63 -2.73 12.46
CA ASP A 7 11.87 -1.64 13.10
C ASP A 7 10.37 -1.67 12.78
N ASP A 8 9.89 -2.77 12.17
CA ASP A 8 8.46 -2.89 11.83
C ASP A 8 7.61 -3.23 13.08
N GLU A 9 7.74 -2.38 14.12
CA GLU A 9 6.97 -2.56 15.36
C GLU A 9 6.23 -1.27 15.74
N GLU A 10 5.08 -1.44 16.42
CA GLU A 10 4.23 -0.31 16.84
C GLU A 10 3.81 0.55 15.64
N ASN A 11 3.46 -0.11 14.52
CA ASN A 11 3.02 0.60 13.32
C ASN A 11 1.66 1.30 13.57
N PRO A 12 1.49 2.60 13.20
CA PRO A 12 0.19 3.34 13.41
C PRO A 12 -0.99 2.67 12.72
N ARG A 13 -0.75 2.16 11.50
CA ARG A 13 -1.80 1.54 10.69
C ARG A 13 -1.25 0.29 9.99
N ASP A 14 -2.03 -0.81 10.02
CA ASP A 14 -1.60 -2.08 9.42
C ASP A 14 -1.58 -2.01 7.87
N PRO A 15 -0.66 -2.77 7.19
CA PRO A 15 -0.58 -2.79 5.68
C PRO A 15 -1.87 -3.27 5.02
N ARG A 16 -2.63 -4.11 5.75
CA ARG A 16 -3.86 -4.71 5.22
C ARG A 16 -4.87 -3.62 4.84
N GLU A 17 -4.95 -2.58 5.67
CA GLU A 17 -5.87 -1.48 5.43
C GLU A 17 -5.54 -0.75 4.13
N GLN A 18 -4.24 -0.57 3.88
CA GLN A 18 -3.76 0.10 2.68
C GLN A 18 -4.16 -0.67 1.41
N TYR A 19 -4.08 -2.01 1.47
CA TYR A 19 -4.48 -2.87 0.33
C TYR A 19 -5.96 -2.72 0.02
N ARG A 20 -6.80 -2.63 1.06
CA ARG A 20 -8.25 -2.49 0.86
C ARG A 20 -8.57 -1.21 0.11
N GLN A 21 -7.84 -0.14 0.44
CA GLN A 21 -8.02 1.15 -0.23
C GLN A 21 -7.67 1.05 -1.72
N CYS A 22 -6.61 0.28 -2.02
CA CYS A 22 -6.12 0.12 -3.39
C CYS A 22 -7.20 -0.46 -4.31
N GLN A 23 -7.81 -1.57 -3.90
CA GLN A 23 -8.85 -2.22 -4.70
C GLN A 23 -10.07 -1.32 -4.87
N GLU A 24 -10.46 -0.67 -3.77
CA GLU A 24 -11.60 0.23 -3.77
C GLU A 24 -11.35 1.44 -4.68
N TYR A 25 -10.12 1.96 -4.64
CA TYR A 25 -9.74 3.13 -5.41
C TYR A 25 -9.94 2.90 -6.91
N CYS A 26 -9.43 1.77 -7.42
CA CYS A 26 -9.54 1.49 -8.85
C CYS A 26 -11.01 1.33 -9.26
N ARG A 27 -11.79 0.68 -8.38
CA ARG A 27 -13.22 0.48 -8.65
C ARG A 27 -13.93 1.83 -8.76
N ARG A 28 -13.57 2.75 -7.86
CA ARG A 28 -14.13 4.10 -7.88
C ARG A 28 -13.74 4.81 -9.19
N GLN A 29 -12.48 4.64 -9.61
CA GLN A 29 -12.00 5.22 -10.85
C GLN A 29 -11.30 4.17 -11.71
N GLY A 30 -12.01 3.67 -12.74
CA GLY A 30 -11.45 2.68 -13.64
C GLY A 30 -12.55 2.02 -14.49
N GLN A 31 -12.14 1.09 -15.37
CA GLN A 31 -13.10 0.39 -16.24
C GLN A 31 -12.45 -0.82 -16.93
N GLY A 32 -11.40 -0.55 -17.71
CA GLY A 32 -10.70 -1.62 -18.45
C GLY A 32 -9.84 -2.48 -17.53
N GLN A 33 -9.46 -3.66 -18.03
CA GLN A 33 -8.63 -4.60 -17.26
C GLN A 33 -7.21 -4.06 -17.03
N ARG A 34 -6.72 -3.26 -17.98
CA ARG A 34 -5.39 -2.66 -17.87
C ARG A 34 -5.32 -1.78 -16.62
N GLN A 35 -6.40 -1.02 -16.38
CA GLN A 35 -6.47 -0.10 -15.25
C GLN A 35 -6.43 -0.81 -13.89
N GLN A 36 -7.13 -1.96 -13.76
CA GLN A 36 -7.15 -2.67 -12.46
C GLN A 36 -5.79 -3.27 -12.10
N GLN A 37 -5.07 -3.78 -13.12
CA GLN A 37 -3.73 -4.34 -12.88
C GLN A 37 -2.76 -3.24 -12.41
N GLN A 38 -2.81 -2.07 -13.08
CA GLN A 38 -1.92 -0.96 -12.73
C GLN A 38 -2.26 -0.34 -11.36
N CYS A 39 -3.56 -0.38 -10.99
CA CYS A 39 -3.97 0.18 -9.68
C CYS A 39 -3.29 -0.60 -8.57
N GLN A 40 -3.24 -1.93 -8.73
CA GLN A 40 -2.62 -2.81 -7.76
C GLN A 40 -1.12 -2.51 -7.64
N ILE A 41 -0.48 -2.27 -8.78
CA ILE A 41 0.95 -1.96 -8.82
C ILE A 41 1.26 -0.64 -8.09
N ARG A 42 0.45 0.39 -8.36
CA ARG A 42 0.67 1.74 -7.78
C ARG A 42 0.62 1.71 -6.24
N CYS A 43 -0.40 1.06 -5.68
CA CYS A 43 -0.55 0.98 -4.22
C CYS A 43 0.52 0.09 -3.60
N GLU A 44 0.80 -1.03 -4.26
CA GLU A 44 1.78 -2.00 -3.76
C GLU A 44 3.19 -1.39 -3.73
N GLU A 45 3.55 -0.63 -4.78
CA GLU A 45 4.88 -0.04 -4.83
C GLU A 45 5.09 1.05 -3.78
N ARG A 46 4.04 1.88 -3.53
CA ARG A 46 4.14 2.91 -2.48
C ARG A 46 4.28 2.29 -1.10
N LEU A 47 3.55 1.18 -0.85
CA LEU A 47 3.57 0.54 0.47
C LEU A 47 5.00 0.06 0.82
N GLU A 48 5.62 -0.67 -0.12
CA GLU A 48 6.97 -1.19 0.08
C GLU A 48 8.00 -0.06 0.02
N GLU A 49 7.83 0.82 -0.96
CA GLU A 49 8.76 1.92 -1.19
C GLU A 49 8.76 2.89 0.00
N ASP A 50 7.56 3.25 0.49
CA ASP A 50 7.42 4.18 1.59
C ASP A 50 8.08 3.66 2.87
N GLN A 51 7.86 2.37 3.14
CA GLN A 51 8.46 1.74 4.32
C GLN A 51 9.99 1.70 4.20
N ARG A 52 10.46 1.37 3.00
CA ARG A 52 11.90 1.28 2.73
C ARG A 52 12.56 2.66 2.87
N SER A 53 11.93 3.69 2.31
CA SER A 53 12.46 5.05 2.34
C SER A 53 12.57 5.57 3.77
N GLN A 54 11.53 5.28 4.57
CA GLN A 54 11.52 5.72 5.97
C GLN A 54 11.19 4.54 6.89
N GLU A 55 12.07 4.31 7.87
CA GLU A 55 11.87 3.22 8.85
C GLU A 55 10.74 3.56 9.84
N GLU A 56 10.48 4.85 10.02
CA GLU A 56 9.43 5.31 10.91
C GLU A 56 8.07 4.90 10.38
N ARG A 57 7.91 4.98 9.06
CA ARG A 57 6.67 4.61 8.40
C ARG A 57 6.92 4.18 6.95
N MET A 1 -4.78 -27.08 28.42
CA MET A 1 -3.45 -26.68 27.87
C MET A 1 -2.86 -25.58 28.71
N ARG A 2 -1.55 -25.45 28.65
CA ARG A 2 -0.83 -24.46 29.43
C ARG A 2 -1.29 -23.04 29.05
N GLY A 3 -1.45 -22.82 27.75
CA GLY A 3 -1.88 -21.51 27.23
C GLY A 3 -0.75 -20.83 26.45
N ARG A 4 -1.14 -19.99 25.49
CA ARG A 4 -0.17 -19.28 24.65
C ARG A 4 -0.56 -17.80 24.51
N ASP A 5 0.37 -16.91 24.92
CA ASP A 5 0.13 -15.47 24.82
C ASP A 5 0.65 -14.92 23.49
N ASP A 6 0.34 -13.64 23.21
CA ASP A 6 0.81 -12.99 21.98
C ASP A 6 2.05 -12.09 22.23
N ASP A 7 2.59 -12.13 23.46
CA ASP A 7 3.78 -11.35 23.81
C ASP A 7 5.03 -11.90 23.12
N ASP A 8 5.06 -13.23 22.93
CA ASP A 8 6.19 -13.89 22.30
C ASP A 8 6.31 -13.52 20.82
N GLU A 9 5.15 -13.42 20.15
CA GLU A 9 5.12 -13.09 18.72
C GLU A 9 5.33 -11.59 18.49
N GLU A 10 5.96 -11.26 17.37
CA GLU A 10 6.24 -9.86 17.01
C GLU A 10 4.94 -9.07 16.79
N ASN A 11 3.95 -9.73 16.17
CA ASN A 11 2.66 -9.10 15.90
C ASN A 11 2.83 -7.78 15.07
N PRO A 12 3.35 -7.87 13.82
CA PRO A 12 3.55 -6.66 12.95
C PRO A 12 2.22 -6.07 12.46
N ARG A 13 2.24 -4.78 12.11
CA ARG A 13 1.04 -4.09 11.60
C ARG A 13 0.45 -4.85 10.42
N ASP A 14 -0.88 -4.71 10.22
CA ASP A 14 -1.57 -5.42 9.14
C ASP A 14 -1.46 -4.63 7.80
N PRO A 15 -0.86 -5.22 6.72
CA PRO A 15 -0.76 -4.54 5.38
C PRO A 15 -2.10 -4.54 4.62
N ARG A 16 -3.05 -5.35 5.09
CA ARG A 16 -4.35 -5.49 4.43
C ARG A 16 -5.09 -4.17 4.32
N GLU A 17 -4.96 -3.31 5.35
CA GLU A 17 -5.65 -2.02 5.35
C GLU A 17 -5.22 -1.17 4.15
N GLN A 18 -3.91 -1.19 3.84
CA GLN A 18 -3.39 -0.46 2.68
C GLN A 18 -3.99 -1.04 1.39
N TYR A 19 -4.07 -2.36 1.33
CA TYR A 19 -4.60 -3.07 0.17
C TYR A 19 -6.08 -2.77 -0.04
N ARG A 20 -6.83 -2.67 1.06
CA ARG A 20 -8.27 -2.38 0.97
C ARG A 20 -8.50 -1.02 0.32
N GLN A 21 -7.65 -0.05 0.67
CA GLN A 21 -7.73 1.29 0.07
C GLN A 21 -7.46 1.21 -1.43
N CYS A 22 -6.48 0.37 -1.82
CA CYS A 22 -6.13 0.18 -3.23
C CYS A 22 -7.33 -0.36 -4.01
N GLN A 23 -7.96 -1.41 -3.47
CA GLN A 23 -9.10 -2.05 -4.10
C GLN A 23 -10.30 -1.10 -4.19
N GLU A 24 -10.54 -0.36 -3.10
CA GLU A 24 -11.68 0.57 -3.04
C GLU A 24 -11.56 1.65 -4.11
N TYR A 25 -10.37 2.28 -4.20
CA TYR A 25 -10.14 3.33 -5.18
C TYR A 25 -10.13 2.76 -6.59
N CYS A 26 -9.53 1.58 -6.75
CA CYS A 26 -9.38 0.98 -8.07
C CYS A 26 -10.72 0.78 -8.75
N ARG A 27 -11.70 0.22 -8.01
CA ARG A 27 -13.05 0.02 -8.56
C ARG A 27 -13.70 1.35 -8.89
N ARG A 28 -13.53 2.33 -8.00
CA ARG A 28 -14.08 3.67 -8.22
C ARG A 28 -13.43 4.32 -9.45
N GLN A 29 -12.12 4.10 -9.59
CA GLN A 29 -11.35 4.63 -10.72
C GLN A 29 -11.14 3.51 -11.78
N GLY A 30 -12.25 3.05 -12.38
CA GLY A 30 -12.19 1.95 -13.36
C GLY A 30 -12.39 2.43 -14.80
N GLN A 31 -11.51 1.96 -15.68
CA GLN A 31 -11.60 2.29 -17.11
C GLN A 31 -11.58 1.02 -17.98
N GLY A 32 -10.84 0.00 -17.51
CA GLY A 32 -10.73 -1.28 -18.22
C GLY A 32 -9.96 -2.31 -17.38
N GLN A 33 -9.88 -3.55 -17.88
CA GLN A 33 -9.19 -4.63 -17.17
C GLN A 33 -7.69 -4.34 -17.04
N ARG A 34 -7.10 -3.79 -18.12
CA ARG A 34 -5.67 -3.46 -18.11
C ARG A 34 -5.37 -2.38 -17.07
N GLN A 35 -6.28 -1.41 -16.96
CA GLN A 35 -6.16 -0.33 -15.99
C GLN A 35 -6.24 -0.88 -14.56
N GLN A 36 -7.07 -1.93 -14.38
CA GLN A 36 -7.20 -2.58 -13.08
C GLN A 36 -5.83 -3.14 -12.64
N GLN A 37 -5.09 -3.71 -13.60
CA GLN A 37 -3.74 -4.18 -13.29
C GLN A 37 -2.87 -2.99 -12.88
N GLN A 38 -3.04 -1.86 -13.59
CA GLN A 38 -2.27 -0.65 -13.33
C GLN A 38 -2.51 -0.12 -11.90
N CYS A 39 -3.79 -0.14 -11.44
CA CYS A 39 -4.09 0.36 -10.08
C CYS A 39 -3.39 -0.49 -9.02
N GLN A 40 -3.22 -1.80 -9.32
CA GLN A 40 -2.54 -2.71 -8.39
C GLN A 40 -1.09 -2.28 -8.19
N ILE A 41 -0.39 -1.93 -9.28
CA ILE A 41 1.01 -1.47 -9.19
C ILE A 41 1.12 -0.14 -8.40
N ARG A 42 0.21 0.82 -8.68
CA ARG A 42 0.29 2.14 -8.03
C ARG A 42 0.28 2.03 -6.50
N CYS A 43 -0.67 1.26 -5.95
CA CYS A 43 -0.78 1.11 -4.50
C CYS A 43 0.37 0.28 -3.91
N GLU A 44 0.81 -0.76 -4.64
CA GLU A 44 1.89 -1.63 -4.17
C GLU A 44 3.19 -0.86 -4.02
N GLU A 45 3.50 0.01 -4.99
CA GLU A 45 4.70 0.84 -4.89
C GLU A 45 4.53 1.83 -3.77
N ARG A 46 3.30 2.36 -3.63
CA ARG A 46 2.99 3.35 -2.60
C ARG A 46 3.26 2.78 -1.21
N LEU A 47 2.82 1.53 -0.98
CA LEU A 47 3.00 0.88 0.33
C LEU A 47 4.50 0.79 0.68
N GLU A 48 5.29 0.26 -0.26
CA GLU A 48 6.74 0.10 -0.06
C GLU A 48 7.47 1.45 -0.07
N GLU A 49 7.04 2.32 -0.98
CA GLU A 49 7.68 3.61 -1.20
C GLU A 49 7.62 4.49 0.04
N ASP A 50 6.43 4.60 0.65
CA ASP A 50 6.24 5.46 1.82
C ASP A 50 6.71 4.79 3.12
N GLN A 51 6.64 3.45 3.17
CA GLN A 51 7.03 2.72 4.36
C GLN A 51 8.53 2.91 4.66
N ARG A 52 9.37 2.71 3.63
CA ARG A 52 10.82 2.86 3.77
C ARG A 52 11.21 4.34 3.92
N SER A 53 10.62 5.18 3.05
CA SER A 53 10.91 6.62 3.03
C SER A 53 10.46 7.32 4.30
N GLN A 54 9.27 6.93 4.80
CA GLN A 54 8.69 7.55 5.98
C GLN A 54 8.19 6.50 6.97
N GLU A 55 8.54 6.68 8.25
CA GLU A 55 8.12 5.75 9.32
C GLU A 55 7.47 6.52 10.49
N GLU A 56 7.01 7.75 10.23
CA GLU A 56 6.36 8.58 11.25
C GLU A 56 5.06 7.94 11.70
N ARG A 57 4.32 7.37 10.73
CA ARG A 57 3.04 6.74 11.00
C ARG A 57 2.51 6.02 9.77
N MET A 1 28.57 6.33 17.25
CA MET A 1 27.90 5.76 16.04
C MET A 1 26.51 6.37 15.91
N ARG A 2 26.01 6.40 14.67
CA ARG A 2 24.73 7.01 14.39
C ARG A 2 23.61 6.30 15.14
N GLY A 3 23.69 4.97 15.21
CA GLY A 3 22.69 4.16 15.92
C GLY A 3 22.71 2.71 15.43
N ARG A 4 21.92 1.87 16.09
CA ARG A 4 21.83 0.44 15.72
C ARG A 4 20.56 -0.23 16.28
N ASP A 5 19.59 0.58 16.74
CA ASP A 5 18.35 0.05 17.31
C ASP A 5 17.26 0.01 16.26
N ASP A 6 16.49 -1.08 16.24
CA ASP A 6 15.38 -1.24 15.30
C ASP A 6 14.04 -0.72 15.87
N ASP A 7 14.07 -0.25 17.14
CA ASP A 7 12.86 0.28 17.80
C ASP A 7 12.58 1.75 17.45
N ASP A 8 13.42 2.35 16.59
CA ASP A 8 13.25 3.76 16.20
C ASP A 8 11.96 3.96 15.40
N GLU A 9 11.67 2.98 14.53
CA GLU A 9 10.45 3.03 13.70
C GLU A 9 9.47 1.94 14.13
N GLU A 10 8.47 2.35 14.92
CA GLU A 10 7.44 1.42 15.39
C GLU A 10 6.42 1.07 14.28
N ASN A 11 6.37 1.88 13.21
CA ASN A 11 5.44 1.65 12.10
C ASN A 11 3.98 1.50 12.65
N PRO A 12 3.40 2.56 13.26
CA PRO A 12 2.02 2.48 13.86
C PRO A 12 0.90 2.50 12.79
N ARG A 13 1.05 1.62 11.78
CA ARG A 13 0.04 1.47 10.73
C ARG A 13 0.21 0.12 10.04
N ASP A 14 -0.84 -0.71 10.10
CA ASP A 14 -0.81 -2.05 9.50
C ASP A 14 -0.90 -1.97 7.95
N PRO A 15 -0.27 -2.93 7.22
CA PRO A 15 -0.32 -2.95 5.71
C PRO A 15 -1.73 -3.24 5.16
N ARG A 16 -2.62 -3.74 6.03
CA ARG A 16 -3.99 -4.08 5.63
C ARG A 16 -4.73 -2.84 5.12
N GLU A 17 -4.55 -1.70 5.81
CA GLU A 17 -5.20 -0.45 5.41
C GLU A 17 -4.74 -0.01 4.03
N GLN A 18 -3.43 -0.17 3.76
CA GLN A 18 -2.85 0.23 2.48
C GLN A 18 -3.50 -0.57 1.35
N TYR A 19 -3.68 -1.87 1.57
CA TYR A 19 -4.34 -2.75 0.59
C TYR A 19 -5.81 -2.40 0.44
N ARG A 20 -6.46 -2.07 1.57
CA ARG A 20 -7.88 -1.70 1.57
C ARG A 20 -8.11 -0.48 0.69
N GLN A 21 -7.22 0.51 0.82
CA GLN A 21 -7.27 1.73 0.03
C GLN A 21 -7.11 1.42 -1.47
N CYS A 22 -6.23 0.45 -1.77
CA CYS A 22 -5.94 0.07 -3.15
C CYS A 22 -7.20 -0.40 -3.87
N GLN A 23 -7.96 -1.30 -3.22
CA GLN A 23 -9.18 -1.84 -3.83
C GLN A 23 -10.23 -0.75 -4.05
N GLU A 24 -10.40 0.14 -3.07
CA GLU A 24 -11.39 1.23 -3.17
C GLU A 24 -11.01 2.21 -4.28
N TYR A 25 -9.73 2.61 -4.29
CA TYR A 25 -9.23 3.54 -5.30
C TYR A 25 -9.35 2.93 -6.70
N CYS A 26 -8.88 1.68 -6.83
CA CYS A 26 -8.87 0.98 -8.11
C CYS A 26 -10.27 0.81 -8.68
N ARG A 27 -11.18 0.27 -7.86
CA ARG A 27 -12.56 0.02 -8.31
C ARG A 27 -13.30 1.32 -8.63
N ARG A 28 -13.11 2.33 -7.77
CA ARG A 28 -13.77 3.62 -7.93
C ARG A 28 -13.26 4.36 -9.17
N GLN A 29 -11.94 4.29 -9.40
CA GLN A 29 -11.32 4.99 -10.53
C GLN A 29 -11.43 4.19 -11.83
N GLY A 30 -12.56 4.38 -12.54
CA GLY A 30 -12.80 3.73 -13.82
C GLY A 30 -12.94 2.23 -13.69
N GLN A 31 -12.78 1.53 -14.83
CA GLN A 31 -12.86 0.07 -14.86
C GLN A 31 -12.19 -0.49 -16.12
N GLY A 32 -11.75 -1.76 -16.05
CA GLY A 32 -11.10 -2.41 -17.18
C GLY A 32 -9.92 -3.26 -16.71
N GLN A 33 -9.59 -4.29 -17.51
CA GLN A 33 -8.50 -5.22 -17.17
C GLN A 33 -7.16 -4.48 -17.07
N ARG A 34 -6.91 -3.56 -18.01
CA ARG A 34 -5.66 -2.79 -18.03
C ARG A 34 -5.53 -1.94 -16.77
N GLN A 35 -6.66 -1.36 -16.33
CA GLN A 35 -6.68 -0.54 -15.13
C GLN A 35 -6.45 -1.36 -13.87
N GLN A 36 -6.99 -2.60 -13.82
CA GLN A 36 -6.80 -3.46 -12.64
C GLN A 36 -5.32 -3.68 -12.41
N GLN A 37 -4.58 -3.96 -13.49
CA GLN A 37 -3.13 -4.13 -13.41
C GLN A 37 -2.45 -2.80 -13.03
N GLN A 38 -2.96 -1.72 -13.62
CA GLN A 38 -2.43 -0.37 -13.40
C GLN A 38 -2.51 0.04 -11.92
N CYS A 39 -3.69 -0.16 -11.32
CA CYS A 39 -3.93 0.20 -9.92
C CYS A 39 -3.21 -0.72 -8.95
N GLN A 40 -3.09 -2.01 -9.33
CA GLN A 40 -2.41 -2.99 -8.49
C GLN A 40 -0.94 -2.61 -8.30
N ILE A 41 -0.30 -2.20 -9.39
CA ILE A 41 1.11 -1.80 -9.38
C ILE A 41 1.29 -0.54 -8.51
N ARG A 42 0.39 0.44 -8.69
CA ARG A 42 0.50 1.72 -8.00
C ARG A 42 0.47 1.57 -6.46
N CYS A 43 -0.51 0.82 -5.95
CA CYS A 43 -0.66 0.64 -4.49
C CYS A 43 0.41 -0.28 -3.89
N GLU A 44 0.85 -1.29 -4.66
CA GLU A 44 1.89 -2.21 -4.17
C GLU A 44 3.21 -1.50 -3.94
N GLU A 45 3.56 -0.57 -4.85
CA GLU A 45 4.77 0.21 -4.67
C GLU A 45 4.60 1.18 -3.52
N ARG A 46 3.35 1.67 -3.33
CA ARG A 46 3.08 2.63 -2.26
C ARG A 46 3.48 2.04 -0.89
N LEU A 47 3.06 0.79 -0.62
CA LEU A 47 3.37 0.12 0.65
C LEU A 47 4.89 -0.13 0.79
N GLU A 48 5.50 -0.70 -0.27
CA GLU A 48 6.93 -1.03 -0.24
C GLU A 48 7.79 0.23 -0.20
N GLU A 49 7.38 1.23 -0.98
CA GLU A 49 8.12 2.48 -1.09
C GLU A 49 8.17 3.18 0.26
N ASP A 50 7.03 3.18 0.97
CA ASP A 50 6.93 3.81 2.28
C ASP A 50 7.87 3.14 3.28
N GLN A 51 7.90 1.79 3.24
CA GLN A 51 8.77 1.03 4.14
C GLN A 51 10.24 1.32 3.85
N ARG A 52 10.59 1.37 2.56
CA ARG A 52 11.96 1.67 2.13
C ARG A 52 12.35 3.09 2.55
N SER A 53 11.41 4.03 2.39
CA SER A 53 11.61 5.42 2.77
C SER A 53 11.89 5.55 4.26
N GLN A 54 11.14 4.78 5.05
CA GLN A 54 11.26 4.82 6.52
C GLN A 54 10.91 6.22 7.06
N GLU A 55 9.87 6.83 6.47
CA GLU A 55 9.40 8.16 6.87
C GLU A 55 10.56 9.16 6.93
N GLU A 56 11.56 8.96 6.06
CA GLU A 56 12.70 9.87 5.96
C GLU A 56 12.25 11.21 5.40
N ARG A 57 11.33 11.16 4.42
CA ARG A 57 10.81 12.35 3.78
C ARG A 57 9.86 13.10 4.71
N MET A 1 -18.14 21.13 8.07
CA MET A 1 -18.61 20.01 8.93
C MET A 1 -19.03 18.83 8.07
N ARG A 2 -18.02 18.07 7.62
CA ARG A 2 -18.26 16.89 6.84
C ARG A 2 -16.98 16.03 6.73
N GLY A 3 -16.03 16.46 5.87
CA GLY A 3 -14.77 15.76 5.68
C GLY A 3 -15.00 14.29 5.35
N ARG A 4 -14.23 13.43 6.00
CA ARG A 4 -14.34 11.97 5.80
C ARG A 4 -14.29 11.26 7.16
N ASP A 5 -14.20 9.92 7.13
CA ASP A 5 -14.14 9.12 8.36
C ASP A 5 -12.85 9.42 9.12
N ASP A 6 -12.78 8.94 10.37
CA ASP A 6 -11.61 9.20 11.23
C ASP A 6 -10.54 8.10 11.11
N ASP A 7 -10.73 7.15 10.17
CA ASP A 7 -9.77 6.07 9.96
C ASP A 7 -8.58 6.52 9.09
N ASP A 8 -8.74 7.66 8.39
CA ASP A 8 -7.69 8.18 7.52
C ASP A 8 -6.73 9.13 8.27
N GLU A 9 -6.98 9.36 9.57
CA GLU A 9 -6.13 10.24 10.39
C GLU A 9 -5.15 9.41 11.21
N GLU A 10 -5.68 8.42 11.94
CA GLU A 10 -4.87 7.53 12.77
C GLU A 10 -3.96 6.66 11.89
N ASN A 11 -2.74 6.41 12.37
CA ASN A 11 -1.77 5.60 11.62
C ASN A 11 -2.37 4.19 11.37
N PRO A 12 -2.41 3.70 10.09
CA PRO A 12 -3.01 2.36 9.78
C PRO A 12 -2.23 1.19 10.41
N ARG A 13 -0.92 1.39 10.58
CA ARG A 13 -0.04 0.36 11.17
C ARG A 13 0.08 -0.88 10.27
N ASP A 14 -1.01 -1.65 10.15
CA ASP A 14 -1.02 -2.86 9.34
C ASP A 14 -1.07 -2.52 7.82
N PRO A 15 -0.15 -3.08 6.98
CA PRO A 15 -0.12 -2.78 5.50
C PRO A 15 -1.43 -3.10 4.78
N ARG A 16 -2.13 -4.13 5.26
CA ARG A 16 -3.37 -4.59 4.61
C ARG A 16 -4.41 -3.48 4.45
N GLU A 17 -4.38 -2.48 5.36
CA GLU A 17 -5.34 -1.39 5.30
C GLU A 17 -5.17 -0.59 3.99
N GLN A 18 -3.91 -0.34 3.61
CA GLN A 18 -3.61 0.37 2.36
C GLN A 18 -4.04 -0.46 1.16
N TYR A 19 -3.83 -1.79 1.24
CA TYR A 19 -4.21 -2.70 0.16
C TYR A 19 -5.72 -2.62 -0.09
N ARG A 20 -6.50 -2.62 0.99
CA ARG A 20 -7.96 -2.53 0.89
C ARG A 20 -8.40 -1.18 0.31
N GLN A 21 -7.71 -0.11 0.74
CA GLN A 21 -8.04 1.25 0.29
C GLN A 21 -7.86 1.38 -1.21
N CYS A 22 -6.76 0.83 -1.73
CA CYS A 22 -6.46 0.90 -3.15
C CYS A 22 -7.52 0.18 -3.97
N GLN A 23 -7.92 -1.01 -3.51
CA GLN A 23 -8.89 -1.83 -4.24
C GLN A 23 -10.24 -1.13 -4.37
N GLU A 24 -10.69 -0.49 -3.29
CA GLU A 24 -11.98 0.23 -3.29
C GLU A 24 -11.95 1.39 -4.29
N TYR A 25 -10.87 2.17 -4.25
CA TYR A 25 -10.69 3.30 -5.15
C TYR A 25 -10.60 2.83 -6.61
N CYS A 26 -9.78 1.80 -6.83
CA CYS A 26 -9.52 1.29 -8.17
C CYS A 26 -10.80 0.79 -8.86
N ARG A 27 -11.62 0.00 -8.15
CA ARG A 27 -12.86 -0.55 -8.75
C ARG A 27 -13.84 0.55 -9.12
N ARG A 28 -14.03 1.50 -8.21
CA ARG A 28 -14.96 2.58 -8.43
C ARG A 28 -14.48 3.51 -9.55
N GLN A 29 -13.17 3.79 -9.57
CA GLN A 29 -12.57 4.66 -10.60
C GLN A 29 -11.53 3.90 -11.40
N GLY A 30 -11.75 3.80 -12.71
CA GLY A 30 -10.82 3.11 -13.61
C GLY A 30 -11.34 3.07 -15.04
N GLN A 31 -10.49 2.62 -15.97
CA GLN A 31 -10.86 2.52 -17.38
C GLN A 31 -11.24 1.09 -17.76
N GLY A 32 -10.51 0.11 -17.22
CA GLY A 32 -10.75 -1.30 -17.52
C GLY A 32 -9.70 -2.22 -16.88
N GLN A 33 -9.41 -3.34 -17.56
CA GLN A 33 -8.44 -4.32 -17.05
C GLN A 33 -7.05 -3.72 -16.93
N ARG A 34 -6.66 -2.88 -17.90
CA ARG A 34 -5.34 -2.24 -17.87
C ARG A 34 -5.20 -1.36 -16.65
N GLN A 35 -6.26 -0.63 -16.32
CA GLN A 35 -6.28 0.25 -15.15
C GLN A 35 -6.20 -0.56 -13.86
N GLN A 36 -6.86 -1.73 -13.84
CA GLN A 36 -6.86 -2.59 -12.66
C GLN A 36 -5.42 -2.99 -12.32
N GLN A 37 -4.64 -3.32 -13.35
CA GLN A 37 -3.22 -3.61 -13.17
C GLN A 37 -2.47 -2.36 -12.71
N GLN A 38 -2.86 -1.21 -13.29
CA GLN A 38 -2.23 0.08 -13.00
C GLN A 38 -2.37 0.48 -11.52
N CYS A 39 -3.59 0.34 -10.96
CA CYS A 39 -3.84 0.74 -9.57
C CYS A 39 -3.13 -0.19 -8.58
N GLN A 40 -3.20 -1.50 -8.84
CA GLN A 40 -2.58 -2.49 -7.94
C GLN A 40 -1.06 -2.34 -7.88
N ILE A 41 -0.43 -2.14 -9.04
CA ILE A 41 1.04 -2.02 -9.11
C ILE A 41 1.55 -0.77 -8.38
N ARG A 42 0.93 0.38 -8.65
CA ARG A 42 1.35 1.66 -8.04
C ARG A 42 1.11 1.70 -6.53
N CYS A 43 -0.05 1.16 -6.10
CA CYS A 43 -0.40 1.16 -4.68
C CYS A 43 0.62 0.34 -3.88
N GLU A 44 1.01 -0.81 -4.45
CA GLU A 44 1.95 -1.72 -3.80
C GLU A 44 3.34 -1.09 -3.63
N GLU A 45 3.83 -0.40 -4.68
CA GLU A 45 5.17 0.20 -4.61
C GLU A 45 5.21 1.32 -3.62
N ARG A 46 4.14 2.14 -3.57
CA ARG A 46 4.12 3.29 -2.66
C ARG A 46 4.23 2.83 -1.21
N LEU A 47 3.52 1.76 -0.88
CA LEU A 47 3.54 1.21 0.47
C LEU A 47 4.94 0.67 0.84
N GLU A 48 5.51 -0.16 -0.06
CA GLU A 48 6.84 -0.74 0.15
C GLU A 48 7.92 0.34 0.12
N GLU A 49 7.76 1.26 -0.82
CA GLU A 49 8.71 2.35 -1.02
C GLU A 49 8.80 3.20 0.25
N ASP A 50 7.65 3.49 0.84
CA ASP A 50 7.56 4.28 2.08
C ASP A 50 8.27 3.56 3.23
N GLN A 51 8.10 2.22 3.28
CA GLN A 51 8.69 1.41 4.34
C GLN A 51 10.21 1.49 4.34
N ARG A 52 10.82 1.52 3.14
CA ARG A 52 12.27 1.59 3.03
C ARG A 52 12.80 2.87 3.67
N SER A 53 12.11 3.99 3.42
CA SER A 53 12.49 5.28 4.01
C SER A 53 12.27 5.28 5.53
N GLN A 54 11.16 4.65 5.96
CA GLN A 54 10.76 4.52 7.39
C GLN A 54 11.34 5.63 8.29
N GLU A 55 10.63 6.78 8.35
CA GLU A 55 11.03 7.90 9.20
C GLU A 55 12.51 8.27 8.95
N GLU A 56 12.85 8.52 7.68
CA GLU A 56 14.21 8.90 7.31
C GLU A 56 14.58 10.22 7.95
N ARG A 57 13.61 11.16 7.96
CA ARG A 57 13.83 12.47 8.53
C ARG A 57 14.13 12.37 10.03
N MET A 1 16.60 -18.02 4.32
CA MET A 1 17.73 -17.19 4.80
C MET A 1 17.21 -15.95 5.49
N ARG A 2 18.13 -15.23 6.14
CA ARG A 2 17.77 -14.05 6.88
C ARG A 2 17.18 -12.96 5.98
N GLY A 3 16.44 -12.03 6.59
CA GLY A 3 15.82 -10.92 5.87
C GLY A 3 14.31 -11.09 5.79
N ARG A 4 13.59 -10.01 6.14
CA ARG A 4 12.13 -10.02 6.13
C ARG A 4 11.57 -8.60 6.09
N ASP A 5 10.28 -8.49 5.77
CA ASP A 5 9.61 -7.18 5.70
C ASP A 5 9.60 -6.51 7.08
N ASP A 6 9.75 -5.18 7.07
CA ASP A 6 9.75 -4.40 8.33
C ASP A 6 8.32 -4.04 8.79
N ASP A 7 7.30 -4.54 8.08
CA ASP A 7 5.91 -4.30 8.42
C ASP A 7 5.57 -4.91 9.78
N ASP A 8 6.21 -6.05 10.09
CA ASP A 8 5.95 -6.77 11.33
C ASP A 8 6.40 -5.96 12.54
N GLU A 9 7.55 -5.28 12.40
CA GLU A 9 8.09 -4.46 13.50
C GLU A 9 7.46 -3.08 13.48
N GLU A 10 7.21 -2.54 14.69
CA GLU A 10 6.60 -1.20 14.83
C GLU A 10 5.36 -1.04 13.89
N ASN A 11 5.45 -0.18 12.84
CA ASN A 11 4.33 0.02 11.90
C ASN A 11 2.96 0.14 12.65
N PRO A 12 2.66 1.29 13.30
CA PRO A 12 1.39 1.47 14.08
C PRO A 12 0.16 1.12 13.24
N ARG A 13 0.19 1.48 11.95
CA ARG A 13 -0.91 1.20 11.03
C ARG A 13 -0.81 -0.21 10.46
N ASP A 14 -1.95 -0.89 10.35
CA ASP A 14 -2.01 -2.25 9.81
C ASP A 14 -1.72 -2.24 8.29
N PRO A 15 -0.68 -2.97 7.80
CA PRO A 15 -0.34 -2.97 6.33
C PRO A 15 -1.45 -3.59 5.48
N ARG A 16 -2.18 -4.56 6.06
CA ARG A 16 -3.27 -5.22 5.37
C ARG A 16 -4.38 -4.25 5.02
N GLU A 17 -4.67 -3.33 5.95
CA GLU A 17 -5.72 -2.32 5.73
C GLU A 17 -5.36 -1.43 4.55
N GLN A 18 -4.07 -1.08 4.45
CA GLN A 18 -3.59 -0.25 3.34
C GLN A 18 -3.83 -0.97 2.01
N TYR A 19 -3.63 -2.29 2.01
CA TYR A 19 -3.89 -3.12 0.84
C TYR A 19 -5.36 -2.98 0.41
N ARG A 20 -6.26 -2.90 1.40
CA ARG A 20 -7.69 -2.77 1.12
C ARG A 20 -7.96 -1.48 0.33
N GLN A 21 -7.32 -0.38 0.74
CA GLN A 21 -7.48 0.91 0.05
C GLN A 21 -7.03 0.83 -1.40
N CYS A 22 -5.94 0.08 -1.66
CA CYS A 22 -5.42 -0.05 -3.01
C CYS A 22 -6.49 -0.67 -3.90
N GLN A 23 -7.16 -1.71 -3.39
CA GLN A 23 -8.26 -2.37 -4.11
C GLN A 23 -9.45 -1.43 -4.25
N GLU A 24 -9.73 -0.67 -3.17
CA GLU A 24 -10.85 0.28 -3.17
C GLU A 24 -10.66 1.37 -4.21
N TYR A 25 -9.42 1.84 -4.37
CA TYR A 25 -9.10 2.88 -5.35
C TYR A 25 -9.45 2.38 -6.75
N CYS A 26 -9.01 1.15 -7.07
CA CYS A 26 -9.28 0.55 -8.38
C CYS A 26 -10.79 0.39 -8.61
N ARG A 27 -11.50 -0.09 -7.58
CA ARG A 27 -12.95 -0.28 -7.68
C ARG A 27 -13.68 1.06 -7.85
N ARG A 28 -13.23 2.07 -7.11
CA ARG A 28 -13.81 3.41 -7.15
C ARG A 28 -13.62 4.02 -8.54
N GLN A 29 -12.42 3.86 -9.10
CA GLN A 29 -12.10 4.38 -10.43
C GLN A 29 -11.72 3.23 -11.35
N GLY A 30 -12.57 2.95 -12.34
CA GLY A 30 -12.33 1.86 -13.28
C GLY A 30 -12.32 2.35 -14.72
N GLN A 31 -11.44 1.76 -15.53
CA GLN A 31 -11.34 2.11 -16.94
C GLN A 31 -10.72 0.92 -17.71
N GLY A 32 -11.47 -0.19 -17.75
CA GLY A 32 -11.01 -1.42 -18.41
C GLY A 32 -10.28 -2.32 -17.42
N GLN A 33 -10.19 -3.61 -17.77
CA GLN A 33 -9.52 -4.60 -16.91
C GLN A 33 -8.02 -4.29 -16.79
N ARG A 34 -7.42 -3.86 -17.91
CA ARG A 34 -6.00 -3.53 -17.94
C ARG A 34 -5.69 -2.41 -16.94
N GLN A 35 -6.56 -1.39 -16.93
CA GLN A 35 -6.40 -0.27 -16.01
C GLN A 35 -6.51 -0.70 -14.55
N GLN A 36 -7.40 -1.68 -14.29
CA GLN A 36 -7.58 -2.20 -12.92
C GLN A 36 -6.27 -2.76 -12.40
N GLN A 37 -5.55 -3.48 -13.28
CA GLN A 37 -4.22 -3.99 -12.94
C GLN A 37 -3.24 -2.83 -12.75
N GLN A 38 -3.37 -1.80 -13.60
CA GLN A 38 -2.49 -0.63 -13.58
C GLN A 38 -2.59 0.14 -12.24
N CYS A 39 -3.82 0.38 -11.76
CA CYS A 39 -4.02 1.12 -10.50
C CYS A 39 -3.60 0.30 -9.29
N GLN A 40 -3.83 -1.02 -9.35
CA GLN A 40 -3.46 -1.91 -8.24
C GLN A 40 -1.95 -1.88 -8.01
N ILE A 41 -1.19 -1.93 -9.12
CA ILE A 41 0.27 -1.92 -9.07
C ILE A 41 0.77 -0.59 -8.47
N ARG A 42 0.19 0.53 -8.93
CA ARG A 42 0.61 1.87 -8.49
C ARG A 42 0.48 2.01 -6.97
N CYS A 43 -0.66 1.56 -6.42
CA CYS A 43 -0.89 1.65 -4.98
C CYS A 43 0.13 0.81 -4.22
N GLU A 44 0.42 -0.38 -4.74
CA GLU A 44 1.39 -1.29 -4.11
C GLU A 44 2.78 -0.68 -4.05
N GLU A 45 3.20 0.03 -5.12
CA GLU A 45 4.53 0.66 -5.12
C GLU A 45 4.61 1.67 -4.01
N ARG A 46 3.52 2.44 -3.83
CA ARG A 46 3.46 3.48 -2.81
C ARG A 46 3.64 2.89 -1.41
N LEU A 47 3.01 1.72 -1.18
CA LEU A 47 3.09 1.07 0.12
C LEU A 47 4.52 0.64 0.43
N GLU A 48 5.19 0.02 -0.56
CA GLU A 48 6.57 -0.44 -0.41
C GLU A 48 7.54 0.75 -0.37
N GLU A 49 7.32 1.72 -1.27
CA GLU A 49 8.18 2.89 -1.39
C GLU A 49 8.09 3.79 -0.16
N ASP A 50 6.86 4.04 0.31
CA ASP A 50 6.63 4.89 1.48
C ASP A 50 7.27 4.26 2.72
N GLN A 51 7.12 2.94 2.86
CA GLN A 51 7.69 2.21 3.99
C GLN A 51 9.21 2.28 3.98
N ARG A 52 9.78 2.11 2.77
CA ARG A 52 11.23 2.14 2.61
C ARG A 52 11.79 3.51 3.01
N SER A 53 11.11 4.56 2.54
CA SER A 53 11.52 5.94 2.85
C SER A 53 11.27 6.29 4.34
N GLN A 54 10.35 5.55 4.98
CA GLN A 54 10.01 5.78 6.38
C GLN A 54 9.62 7.23 6.61
N GLU A 55 9.27 7.56 7.85
CA GLU A 55 8.88 8.94 8.21
C GLU A 55 10.01 9.66 8.97
N GLU A 56 11.25 9.32 8.62
CA GLU A 56 12.43 9.91 9.25
C GLU A 56 13.53 10.19 8.21
N ARG A 57 13.12 10.78 7.07
CA ARG A 57 14.04 11.12 5.96
C ARG A 57 15.12 10.05 5.75
N MET A 1 8.88 1.22 29.03
CA MET A 1 10.13 1.00 29.81
C MET A 1 11.12 2.08 29.48
N ARG A 2 11.25 3.03 30.40
CA ARG A 2 12.16 4.14 30.27
C ARG A 2 11.82 5.00 29.06
N GLY A 3 12.03 6.31 29.20
CA GLY A 3 11.74 7.26 28.11
C GLY A 3 10.23 7.57 28.00
N ARG A 4 9.47 7.27 29.07
CA ARG A 4 8.02 7.51 29.11
C ARG A 4 7.26 6.51 28.22
N ASP A 5 6.24 5.86 28.81
CA ASP A 5 5.43 4.89 28.08
C ASP A 5 4.65 5.57 26.96
N ASP A 6 4.50 4.84 25.84
CA ASP A 6 3.78 5.36 24.67
C ASP A 6 2.31 4.86 24.61
N ASP A 7 1.85 4.21 25.70
CA ASP A 7 0.49 3.69 25.77
C ASP A 7 -0.53 4.82 25.72
N ASP A 8 -0.16 5.97 26.31
CA ASP A 8 -1.05 7.12 26.35
C ASP A 8 -0.93 7.95 25.06
N GLU A 9 -1.09 7.27 23.91
CA GLU A 9 -1.03 7.92 22.61
C GLU A 9 -1.62 7.01 21.53
N GLU A 10 -2.36 7.61 20.59
CA GLU A 10 -2.96 6.87 19.47
C GLU A 10 -1.88 6.23 18.60
N ASN A 11 -2.29 5.36 17.68
CA ASN A 11 -1.33 4.66 16.80
C ASN A 11 -1.74 4.77 15.31
N PRO A 12 -0.78 4.65 14.36
CA PRO A 12 -1.08 4.74 12.89
C PRO A 12 -2.06 3.64 12.43
N ARG A 13 -2.87 3.97 11.42
CA ARG A 13 -3.86 3.02 10.88
C ARG A 13 -3.21 1.65 10.59
N ASP A 14 -4.02 0.60 10.62
CA ASP A 14 -3.53 -0.76 10.40
C ASP A 14 -3.00 -0.94 8.96
N PRO A 15 -1.94 -1.75 8.73
CA PRO A 15 -1.37 -1.99 7.35
C PRO A 15 -2.43 -2.47 6.37
N ARG A 16 -3.34 -3.33 6.86
CA ARG A 16 -4.40 -3.90 6.03
C ARG A 16 -5.30 -2.80 5.48
N GLU A 17 -5.60 -1.81 6.32
CA GLU A 17 -6.50 -0.71 5.94
C GLU A 17 -5.92 0.10 4.79
N GLN A 18 -4.60 0.38 4.83
CA GLN A 18 -3.94 1.16 3.79
C GLN A 18 -4.02 0.43 2.44
N TYR A 19 -3.78 -0.88 2.47
CA TYR A 19 -3.80 -1.70 1.26
C TYR A 19 -5.20 -1.66 0.63
N ARG A 20 -6.22 -1.86 1.46
CA ARG A 20 -7.61 -1.89 1.00
C ARG A 20 -8.02 -0.54 0.39
N GLN A 21 -7.56 0.56 1.00
CA GLN A 21 -7.92 1.90 0.53
C GLN A 21 -7.43 2.18 -0.89
N CYS A 22 -6.19 1.75 -1.22
CA CYS A 22 -5.66 1.98 -2.56
C CYS A 22 -6.46 1.18 -3.58
N GLN A 23 -6.72 -0.09 -3.27
CA GLN A 23 -7.53 -0.95 -4.15
C GLN A 23 -8.93 -0.38 -4.33
N GLU A 24 -9.48 0.20 -3.25
CA GLU A 24 -10.82 0.81 -3.28
C GLU A 24 -10.84 1.94 -4.32
N TYR A 25 -9.77 2.74 -4.35
CA TYR A 25 -9.62 3.82 -5.32
C TYR A 25 -9.66 3.24 -6.74
N CYS A 26 -8.93 2.15 -6.95
CA CYS A 26 -8.86 1.49 -8.24
C CYS A 26 -10.25 1.06 -8.70
N ARG A 27 -11.01 0.45 -7.78
CA ARG A 27 -12.37 0.02 -8.10
C ARG A 27 -13.25 1.22 -8.45
N ARG A 28 -13.05 2.32 -7.70
CA ARG A 28 -13.82 3.56 -7.91
C ARG A 28 -13.57 4.14 -9.32
N GLN A 29 -12.30 4.13 -9.75
CA GLN A 29 -11.94 4.71 -11.05
C GLN A 29 -11.10 3.75 -11.89
N GLY A 30 -11.44 3.62 -13.17
CA GLY A 30 -10.72 2.75 -14.10
C GLY A 30 -11.67 2.04 -15.05
N GLN A 31 -12.40 1.04 -14.52
CA GLN A 31 -13.36 0.28 -15.32
C GLN A 31 -12.68 -0.36 -16.55
N GLY A 32 -11.43 -0.82 -16.35
CA GLY A 32 -10.68 -1.48 -17.42
C GLY A 32 -9.74 -2.54 -16.85
N GLN A 33 -9.58 -3.64 -17.59
CA GLN A 33 -8.70 -4.74 -17.18
C GLN A 33 -7.24 -4.26 -17.11
N ARG A 34 -6.83 -3.47 -18.11
CA ARG A 34 -5.47 -2.94 -18.16
C ARG A 34 -5.21 -2.01 -16.98
N GLN A 35 -6.21 -1.18 -16.67
CA GLN A 35 -6.12 -0.26 -15.53
C GLN A 35 -6.12 -1.00 -14.20
N GLN A 36 -6.89 -2.10 -14.13
CA GLN A 36 -6.96 -2.90 -12.90
C GLN A 36 -5.56 -3.42 -12.56
N GLN A 37 -4.84 -3.88 -13.59
CA GLN A 37 -3.45 -4.31 -13.43
C GLN A 37 -2.57 -3.10 -13.09
N GLN A 38 -2.85 -1.97 -13.75
CA GLN A 38 -2.09 -0.74 -13.57
C GLN A 38 -2.12 -0.26 -12.12
N CYS A 39 -3.31 -0.26 -11.51
CA CYS A 39 -3.46 0.16 -10.12
C CYS A 39 -2.88 -0.89 -9.15
N GLN A 40 -2.81 -2.16 -9.60
CA GLN A 40 -2.28 -3.23 -8.76
C GLN A 40 -0.82 -2.94 -8.42
N ILE A 41 -0.02 -2.58 -9.43
CA ILE A 41 1.39 -2.22 -9.23
C ILE A 41 1.50 -0.93 -8.41
N ARG A 42 0.66 0.07 -8.74
CA ARG A 42 0.70 1.37 -8.08
C ARG A 42 0.42 1.26 -6.57
N CYS A 43 -0.57 0.44 -6.20
CA CYS A 43 -0.93 0.26 -4.80
C CYS A 43 0.17 -0.48 -4.05
N GLU A 44 0.74 -1.51 -4.72
CA GLU A 44 1.79 -2.32 -4.14
C GLU A 44 3.08 -1.53 -3.93
N GLU A 45 3.45 -0.70 -4.92
CA GLU A 45 4.69 0.08 -4.82
C GLU A 45 4.60 1.17 -3.74
N ARG A 46 3.40 1.75 -3.60
CA ARG A 46 3.18 2.78 -2.58
C ARG A 46 3.33 2.20 -1.18
N LEU A 47 2.76 0.99 -0.99
CA LEU A 47 2.80 0.31 0.30
C LEU A 47 4.24 -0.08 0.68
N GLU A 48 4.96 -0.69 -0.28
CA GLU A 48 6.34 -1.13 -0.05
C GLU A 48 7.26 0.07 0.11
N GLU A 49 7.08 1.06 -0.76
CA GLU A 49 7.90 2.26 -0.76
C GLU A 49 7.74 3.01 0.58
N ASP A 50 6.48 3.15 1.01
CA ASP A 50 6.17 3.85 2.26
C ASP A 50 6.74 3.11 3.45
N GLN A 51 6.57 1.78 3.47
CA GLN A 51 7.05 0.93 4.56
C GLN A 51 8.59 0.96 4.63
N ARG A 52 9.24 0.94 3.47
CA ARG A 52 10.70 0.94 3.41
C ARG A 52 11.26 2.22 4.02
N SER A 53 10.60 3.36 3.75
CA SER A 53 11.03 4.65 4.25
C SER A 53 11.03 4.67 5.78
N GLN A 54 10.02 4.04 6.39
CA GLN A 54 9.88 3.98 7.85
C GLN A 54 9.53 5.36 8.43
N GLU A 55 8.43 5.93 7.93
CA GLU A 55 7.95 7.23 8.39
C GLU A 55 6.50 7.42 7.98
N GLU A 56 5.58 6.87 8.80
CA GLU A 56 4.15 6.95 8.53
C GLU A 56 3.54 8.21 9.16
N ARG A 57 4.03 9.38 8.74
CA ARG A 57 3.54 10.66 9.26
C ARG A 57 2.02 10.74 9.15
N MET A 1 16.51 -21.14 -0.68
CA MET A 1 17.13 -20.21 -1.67
C MET A 1 16.08 -19.34 -2.31
N ARG A 2 14.94 -19.93 -2.67
CA ARG A 2 13.84 -19.18 -3.27
C ARG A 2 12.56 -19.22 -2.40
N GLY A 3 12.68 -19.73 -1.17
CA GLY A 3 11.54 -19.83 -0.26
C GLY A 3 11.38 -18.58 0.60
N ARG A 4 10.34 -18.56 1.44
CA ARG A 4 10.07 -17.43 2.33
C ARG A 4 11.19 -17.28 3.35
N ASP A 5 11.59 -16.02 3.63
CA ASP A 5 12.67 -15.75 4.59
C ASP A 5 12.10 -15.47 5.98
N ASP A 6 12.96 -15.63 7.00
CA ASP A 6 12.57 -15.38 8.39
C ASP A 6 13.03 -14.00 8.91
N ASP A 7 13.70 -13.21 8.03
CA ASP A 7 14.19 -11.89 8.41
C ASP A 7 13.04 -10.95 8.74
N ASP A 8 11.92 -11.12 8.03
CA ASP A 8 10.75 -10.28 8.24
C ASP A 8 9.81 -10.89 9.30
N GLU A 9 10.38 -11.20 10.48
CA GLU A 9 9.61 -11.78 11.57
C GLU A 9 8.57 -10.80 12.15
N GLU A 10 8.80 -9.50 11.95
CA GLU A 10 7.90 -8.46 12.46
C GLU A 10 7.07 -7.85 11.32
N ASN A 11 5.74 -7.82 11.51
CA ASN A 11 4.83 -7.27 10.50
C ASN A 11 3.86 -6.24 11.13
N PRO A 12 4.29 -4.97 11.33
CA PRO A 12 3.41 -3.91 11.95
C PRO A 12 2.27 -3.52 11.02
N ARG A 13 1.12 -3.16 11.62
CA ARG A 13 -0.07 -2.77 10.85
C ARG A 13 -0.53 -3.93 9.97
N ASP A 14 -1.83 -3.95 9.66
CA ASP A 14 -2.40 -5.00 8.81
C ASP A 14 -2.17 -4.68 7.31
N PRO A 15 -1.51 -5.57 6.52
CA PRO A 15 -1.21 -5.28 5.07
C PRO A 15 -2.47 -5.20 4.19
N ARG A 16 -3.50 -5.99 4.53
CA ARG A 16 -4.74 -5.99 3.74
C ARG A 16 -5.51 -4.67 3.89
N GLU A 17 -5.22 -3.92 4.97
CA GLU A 17 -5.86 -2.62 5.19
C GLU A 17 -5.50 -1.67 4.05
N GLN A 18 -4.19 -1.64 3.70
CA GLN A 18 -3.71 -0.79 2.61
C GLN A 18 -4.28 -1.26 1.27
N TYR A 19 -4.33 -2.59 1.08
CA TYR A 19 -4.86 -3.18 -0.14
C TYR A 19 -6.37 -2.89 -0.30
N ARG A 20 -7.10 -2.90 0.82
CA ARG A 20 -8.54 -2.58 0.80
C ARG A 20 -8.74 -1.16 0.28
N GLN A 21 -7.85 -0.25 0.71
CA GLN A 21 -7.90 1.12 0.25
C GLN A 21 -7.66 1.16 -1.26
N CYS A 22 -6.73 0.31 -1.74
CA CYS A 22 -6.41 0.25 -3.16
C CYS A 22 -7.62 -0.13 -4.01
N GLN A 23 -8.30 -1.23 -3.64
CA GLN A 23 -9.44 -1.71 -4.43
C GLN A 23 -10.50 -0.61 -4.56
N GLU A 24 -10.62 0.22 -3.52
CA GLU A 24 -11.54 1.36 -3.57
C GLU A 24 -11.06 2.33 -4.66
N TYR A 25 -9.73 2.59 -4.68
CA TYR A 25 -9.14 3.49 -5.68
C TYR A 25 -9.34 2.96 -7.10
N CYS A 26 -9.02 1.68 -7.32
CA CYS A 26 -9.12 1.05 -8.64
C CYS A 26 -10.52 1.27 -9.21
N ARG A 27 -11.53 0.95 -8.39
CA ARG A 27 -12.94 1.08 -8.79
C ARG A 27 -13.32 2.55 -9.03
N ARG A 28 -12.83 3.44 -8.16
CA ARG A 28 -13.15 4.87 -8.27
C ARG A 28 -12.61 5.43 -9.59
N GLN A 29 -11.39 5.04 -9.94
CA GLN A 29 -10.76 5.48 -11.18
C GLN A 29 -11.52 4.92 -12.40
N GLY A 30 -11.94 3.66 -12.28
CA GLY A 30 -12.66 2.98 -13.37
C GLY A 30 -12.61 1.46 -13.17
N GLN A 31 -12.80 0.72 -14.26
CA GLN A 31 -12.76 -0.74 -14.21
C GLN A 31 -12.18 -1.32 -15.51
N GLY A 32 -11.65 -2.54 -15.41
CA GLY A 32 -11.06 -3.22 -16.57
C GLY A 32 -9.75 -3.93 -16.18
N GLN A 33 -9.38 -4.95 -16.96
CA GLN A 33 -8.19 -5.73 -16.68
C GLN A 33 -6.92 -4.88 -16.79
N ARG A 34 -6.85 -4.05 -17.84
CA ARG A 34 -5.67 -3.19 -18.06
C ARG A 34 -5.50 -2.21 -16.90
N GLN A 35 -6.59 -1.55 -16.53
CA GLN A 35 -6.59 -0.57 -15.44
C GLN A 35 -6.36 -1.25 -14.09
N GLN A 36 -6.92 -2.46 -13.93
CA GLN A 36 -6.79 -3.19 -12.66
C GLN A 36 -5.31 -3.44 -12.36
N GLN A 37 -4.54 -3.81 -13.40
CA GLN A 37 -3.09 -4.00 -13.25
C GLN A 37 -2.42 -2.67 -12.90
N GLN A 38 -2.89 -1.60 -13.55
CA GLN A 38 -2.36 -0.25 -13.32
C GLN A 38 -2.56 0.19 -11.86
N CYS A 39 -3.75 -0.07 -11.33
CA CYS A 39 -4.10 0.28 -9.95
C CYS A 39 -3.19 -0.47 -8.96
N GLN A 40 -3.01 -1.76 -9.21
CA GLN A 40 -2.23 -2.63 -8.32
C GLN A 40 -0.76 -2.18 -8.23
N ILE A 41 -0.17 -1.78 -9.37
CA ILE A 41 1.23 -1.34 -9.39
C ILE A 41 1.41 -0.11 -8.50
N ARG A 42 0.51 0.86 -8.67
CA ARG A 42 0.56 2.11 -7.90
C ARG A 42 0.40 1.85 -6.40
N CYS A 43 -0.49 0.91 -6.07
CA CYS A 43 -0.80 0.60 -4.67
C CYS A 43 0.37 -0.12 -3.99
N GLU A 44 0.99 -1.05 -4.72
CA GLU A 44 2.09 -1.84 -4.20
C GLU A 44 3.35 -0.99 -4.03
N GLU A 45 3.63 -0.13 -5.03
CA GLU A 45 4.81 0.72 -4.98
C GLU A 45 4.73 1.73 -3.86
N ARG A 46 3.53 2.29 -3.63
CA ARG A 46 3.34 3.25 -2.54
C ARG A 46 3.44 2.58 -1.17
N LEU A 47 3.05 1.28 -1.11
CA LEU A 47 3.12 0.53 0.14
C LEU A 47 4.58 0.43 0.61
N GLU A 48 5.46 -0.01 -0.31
CA GLU A 48 6.89 -0.15 0.00
C GLU A 48 7.60 1.20 0.04
N GLU A 49 7.24 2.08 -0.90
CA GLU A 49 7.85 3.40 -0.99
C GLU A 49 7.50 4.26 0.23
N ASP A 50 6.25 4.16 0.70
CA ASP A 50 5.83 4.88 1.90
C ASP A 50 6.62 4.40 3.12
N GLN A 51 6.84 3.08 3.19
CA GLN A 51 7.65 2.52 4.28
C GLN A 51 9.09 3.04 4.18
N ARG A 52 9.59 3.13 2.95
CA ARG A 52 10.94 3.62 2.67
C ARG A 52 11.11 5.07 3.11
N SER A 53 10.09 5.90 2.84
CA SER A 53 10.14 7.34 3.15
C SER A 53 10.33 7.58 4.65
N GLN A 54 9.76 6.69 5.48
CA GLN A 54 9.88 6.81 6.95
C GLN A 54 9.30 8.14 7.43
N GLU A 55 8.98 8.21 8.73
CA GLU A 55 8.42 9.42 9.35
C GLU A 55 6.98 9.65 8.88
N GLU A 56 6.04 9.00 9.56
CA GLU A 56 4.61 9.12 9.23
C GLU A 56 3.94 10.29 9.98
N ARG A 57 4.70 10.96 10.87
CA ARG A 57 4.17 12.09 11.66
C ARG A 57 3.02 11.63 12.56
#